data_3I89
#
_entry.id   3I89
#
_cell.length_a   63.289
_cell.length_b   133.670
_cell.length_c   184.345
_cell.angle_alpha   90.00
_cell.angle_beta   90.00
_cell.angle_gamma   90.00
#
_symmetry.space_group_name_H-M   'P 21 21 21'
#
loop_
_entity.id
_entity.type
_entity.pdbx_description
1 polymer 'DNA damage-binding protein 1'
2 polymer 'WD repeat-containing protein 22'
#
loop_
_entity_poly.entity_id
_entity_poly.type
_entity_poly.pdbx_seq_one_letter_code
_entity_poly.pdbx_strand_id
1 'polypeptide(L)'
;GSHMSYNYVVTAQKPTAVNGCVTGHFTSAEDLNLLIAKNTRLEIYVVTAEGLRPVKEVGMYGKIAVMELFRPKGESKDLL
FILTAKYNACILEYKQSGESIDIITRAHGNVQDRIGRPSETGIIGIIDPECRMIGLRLYDGLFKVIPLDRDNKELKAFNI
RLEELHVIDVKFLYGCQAPTICFVYQDPQGRHVKTYEVSLREKEFNKGPWKQENVEAEASMVIAVPEPFGGAIIIGQESI
TYHNGDKYLAIAPPIIKQSTIVCHNRVDPNGSRYLLGDMEGRLFMLLLEKEEQMDGTVTLKDLRVELLGETSIAECLTYL
DNGVVFVGSRLGDSQLVKLNVDSNEQGSYVVAMETFTNLGPIVDMCVVDLERQGQGQLVTCSGAFKEGSLRIIRNGIGIH
EHASIDLPGIKGLWPLRSDPNRETYDTLVLSFVGQTRVLMLNGEEVEETELMGFVDDQQTFFCGNVAHQQLIQITSASVR
LVSQEPKALVSEWKEPQAKNISVASCNSSQVVVAVGRALYYLQIHPQELRQISHTEMEHEVACLDITPLGDSNGLSPLCA
IGLWTDISARILKLPSFELLHKEMLGGEIIPRSILMTTFESSHYLLCALGDGALFYFGLNIETGLLSDRKKVTLGTQPTV
LRTFRSLSTTNVFACSDRPTVIYSSNHKLVFSNVNLKEVNYMCPLNSDGYPDSLALANNSTLTIGTIDEIQKLHIRTVPL
YESPRKICYQEVSQCFGVLSSRIEVQDTSGGTTALRPSASTQALSSSVSSSKLFSSSTAPHETSFGEEVEVHNLLIIDQH
TFEVLHAHQFLQNEYALSLVSCKLGKDPNTYFIVGTAMVYPEEAEPKQGRIVVFQYSDGKLQTVAEKEVKGAVYSMVEFN
GKLLASINSTVRLYEWTTEKDVRTECNHYNNIMALYLKTKGDFILVGDLMRSVLLLAYKPMEGNFEEIARDFNPNWMSAV
EILDDDNFLGAENAFNLFVCQKDSAATTDEERQHLQEVGLFHLGEFVNVFCHGSLVMQNLGETSTPTQGSVLFGTVNGMI
GLVTSLSESWYNLLLDMQNRLNKVIKSVGKIEHSFWRSFHTERKTEPATGFIDGDLIESFLDISRPKMQEVVANLQYDDG
SGMKREATADDLIKVVEELTRIH
;
A
2 'polypeptide(L)' SVVGFLSQRGLHG B
#
# COMPACT_ATOMS: atom_id res chain seq x y z
N MET A 4 20.40 12.99 -22.35
CA MET A 4 19.05 13.68 -22.40
C MET A 4 17.82 12.77 -22.12
N SER A 5 17.96 11.89 -21.13
CA SER A 5 16.83 11.10 -20.61
C SER A 5 16.27 11.78 -19.38
N TYR A 6 14.94 11.81 -19.28
CA TYR A 6 14.32 12.48 -18.16
C TYR A 6 13.03 11.78 -17.73
N ASN A 7 13.07 11.16 -16.56
CA ASN A 7 11.87 10.49 -16.07
C ASN A 7 11.54 10.81 -14.66
N TYR A 8 10.42 10.26 -14.24
CA TYR A 8 9.82 10.59 -13.00
C TYR A 8 9.24 9.32 -12.39
N VAL A 9 9.54 9.07 -11.13
CA VAL A 9 9.04 7.88 -10.48
C VAL A 9 8.25 8.27 -9.28
N VAL A 10 7.07 7.67 -9.09
CA VAL A 10 6.37 7.80 -7.81
C VAL A 10 5.80 6.50 -7.30
N THR A 11 5.79 6.40 -5.99
CA THR A 11 5.03 5.42 -5.28
C THR A 11 3.54 5.73 -5.51
N ALA A 12 2.78 4.66 -5.73
CA ALA A 12 1.34 4.76 -5.85
C ALA A 12 0.74 4.00 -4.68
N GLN A 13 1.40 2.92 -4.31
CA GLN A 13 1.04 2.20 -3.11
C GLN A 13 2.35 1.99 -2.37
N LYS A 14 2.40 2.40 -1.11
CA LYS A 14 3.56 2.12 -0.30
C LYS A 14 3.74 0.59 -0.21
N PRO A 15 4.96 0.10 0.06
CA PRO A 15 5.14 -1.33 0.21
C PRO A 15 4.26 -1.87 1.34
N THR A 16 3.65 -3.03 1.16
CA THR A 16 2.83 -3.53 2.26
C THR A 16 3.42 -4.75 2.94
N ALA A 17 4.40 -5.41 2.33
CA ALA A 17 5.07 -6.52 3.02
C ALA A 17 5.77 -6.04 4.25
N VAL A 18 5.80 -6.91 5.26
CA VAL A 18 6.35 -6.54 6.54
C VAL A 18 7.64 -7.30 6.73
N ASN A 19 8.75 -6.58 6.55
CA ASN A 19 10.06 -7.20 6.51
C ASN A 19 10.56 -7.40 7.95
N GLY A 20 9.99 -6.63 8.90
CA GLY A 20 10.35 -6.74 10.31
C GLY A 20 9.50 -5.94 11.26
N CYS A 21 9.54 -6.25 12.56
CA CYS A 21 8.64 -5.62 13.50
C CYS A 21 9.05 -5.84 14.94
N VAL A 22 9.08 -4.80 15.76
CA VAL A 22 9.55 -5.00 17.13
C VAL A 22 8.59 -4.36 18.12
N THR A 23 8.60 -4.87 19.35
CA THR A 23 7.75 -4.37 20.45
C THR A 23 8.54 -3.75 21.60
N GLY A 24 7.97 -2.75 22.25
CA GLY A 24 8.60 -2.19 23.44
C GLY A 24 7.97 -0.86 23.76
N HIS A 25 8.61 -0.13 24.67
CA HIS A 25 8.10 1.15 25.14
C HIS A 25 8.94 2.29 24.57
N PHE A 26 8.49 2.85 23.46
CA PHE A 26 9.29 3.79 22.66
C PHE A 26 8.61 5.14 22.65
N THR A 27 7.33 5.12 22.96
CA THR A 27 6.55 6.33 23.09
C THR A 27 6.60 6.90 24.52
N SER A 28 6.41 6.03 25.51
CA SER A 28 6.54 6.38 26.94
C SER A 28 6.95 5.13 27.69
N ALA A 29 7.49 5.31 28.90
CA ALA A 29 7.97 4.20 29.72
C ALA A 29 6.79 3.31 30.06
N GLU A 30 5.63 3.95 30.17
CA GLU A 30 4.37 3.22 30.11
C GLU A 30 3.67 3.65 28.83
N ASP A 31 3.62 2.68 27.94
CA ASP A 31 3.01 2.70 26.62
C ASP A 31 3.63 1.49 26.03
N LEU A 32 2.82 0.69 25.34
CA LEU A 32 3.34 -0.47 24.65
C LEU A 32 3.17 -0.25 23.17
N ASN A 33 4.30 -0.37 22.48
CA ASN A 33 4.40 0.00 21.09
C ASN A 33 4.69 -1.21 20.23
N LEU A 34 4.22 -1.14 19.01
CA LEU A 34 4.58 -2.14 18.06
C LEU A 34 5.16 -1.33 16.93
N LEU A 35 6.40 -1.68 16.58
CA LEU A 35 7.07 -1.02 15.49
C LEU A 35 7.03 -1.94 14.29
N ILE A 36 6.55 -1.45 13.18
CA ILE A 36 6.42 -2.28 12.01
C ILE A 36 7.26 -1.64 10.98
N ALA A 37 8.15 -2.45 10.44
CA ALA A 37 9.14 -2.05 9.51
C ALA A 37 8.72 -2.52 8.15
N LYS A 38 8.70 -1.71 7.13
CA LYS A 38 8.24 -2.28 5.87
C LYS A 38 9.38 -2.42 4.90
N ASN A 39 9.74 -1.34 4.29
CA ASN A 39 10.96 -1.36 3.58
C ASN A 39 11.54 -0.07 3.95
N THR A 40 10.83 0.97 3.66
CA THR A 40 11.40 2.24 3.92
C THR A 40 10.33 3.03 4.61
N ARG A 41 9.54 2.35 5.44
CA ARG A 41 8.43 2.97 6.14
C ARG A 41 8.43 2.42 7.52
N LEU A 42 8.30 3.31 8.51
CA LEU A 42 8.31 2.85 9.87
C LEU A 42 7.01 3.18 10.58
N GLU A 43 6.27 2.13 10.94
CA GLU A 43 4.92 2.27 11.50
C GLU A 43 5.01 2.09 13.00
N ILE A 44 4.33 2.97 13.71
CA ILE A 44 4.45 3.05 15.15
C ILE A 44 3.06 3.10 15.76
N TYR A 45 2.71 2.05 16.46
CA TYR A 45 1.41 1.94 17.03
C TYR A 45 1.51 1.81 18.53
N VAL A 46 0.44 2.19 19.22
CA VAL A 46 0.27 1.84 20.62
C VAL A 46 -0.80 0.80 20.67
N VAL A 47 -0.45 -0.33 21.28
CA VAL A 47 -1.36 -1.46 21.53
C VAL A 47 -2.45 -1.06 22.53
N THR A 48 -3.68 -1.52 22.32
CA THR A 48 -4.79 -1.26 23.25
C THR A 48 -5.74 -2.44 23.35
N ALA A 49 -6.57 -2.42 24.39
CA ALA A 49 -7.72 -3.31 24.50
C ALA A 49 -8.29 -3.70 23.13
N GLU A 50 -8.54 -2.69 22.31
CA GLU A 50 -9.08 -2.87 20.97
C GLU A 50 -8.05 -3.47 20.02
N GLY A 51 -6.85 -2.90 20.02
CA GLY A 51 -5.80 -3.28 19.10
C GLY A 51 -4.76 -2.18 18.93
N LEU A 52 -4.63 -1.66 17.73
CA LEU A 52 -3.46 -0.85 17.42
C LEU A 52 -3.74 0.62 17.14
N ARG A 53 -3.43 1.47 18.11
CA ARG A 53 -3.56 2.93 17.94
C ARG A 53 -2.37 3.39 17.12
N PRO A 54 -2.57 3.66 15.81
CA PRO A 54 -1.48 4.16 14.99
C PRO A 54 -1.10 5.54 15.44
N VAL A 55 0.17 5.86 15.40
CA VAL A 55 0.63 7.02 16.12
C VAL A 55 1.63 7.84 15.33
N LYS A 56 2.44 7.17 14.51
CA LYS A 56 3.43 7.84 13.69
C LYS A 56 3.88 7.00 12.52
N GLU A 57 3.89 7.61 11.34
CA GLU A 57 4.35 6.91 10.15
C GLU A 57 5.43 7.70 9.46
N VAL A 58 6.67 7.36 9.78
CA VAL A 58 7.79 7.93 9.04
C VAL A 58 8.31 7.00 7.96
N GLY A 59 8.76 7.61 6.88
CA GLY A 59 9.51 6.91 5.86
C GLY A 59 10.98 7.14 6.09
N MET A 60 11.82 6.34 5.46
CA MET A 60 13.25 6.55 5.51
C MET A 60 13.88 6.50 4.14
N TYR A 61 15.15 6.89 4.08
CA TYR A 61 15.90 6.90 2.86
C TYR A 61 16.74 5.69 2.84
N GLY A 62 16.11 4.55 3.07
CA GLY A 62 16.85 3.29 3.18
C GLY A 62 15.97 2.07 3.34
N LYS A 63 16.52 0.92 3.01
CA LYS A 63 15.82 -0.31 3.24
C LYS A 63 16.18 -0.76 4.64
N ILE A 64 15.25 -0.64 5.57
CA ILE A 64 15.45 -1.12 6.92
C ILE A 64 15.89 -2.60 7.01
N ALA A 65 17.12 -2.86 7.43
CA ALA A 65 17.63 -4.21 7.46
C ALA A 65 17.66 -4.75 8.86
N VAL A 66 17.95 -3.88 9.82
CA VAL A 66 18.01 -4.21 11.24
C VAL A 66 17.10 -3.26 11.99
N MET A 67 16.47 -3.75 13.02
CA MET A 67 15.61 -2.90 13.83
C MET A 67 15.48 -3.42 15.27
N GLU A 68 16.08 -2.70 16.21
CA GLU A 68 15.95 -3.05 17.62
C GLU A 68 15.60 -1.88 18.52
N LEU A 69 14.86 -2.20 19.58
CA LEU A 69 14.65 -1.28 20.66
C LEU A 69 15.54 -1.66 21.82
N PHE A 70 15.91 -0.68 22.61
CA PHE A 70 16.89 -0.89 23.68
C PHE A 70 16.99 0.40 24.49
N ARG A 71 17.52 0.24 25.70
CA ARG A 71 17.53 1.30 26.71
C ARG A 71 18.76 1.14 27.60
N PRO A 72 19.68 2.11 27.54
CA PRO A 72 20.79 2.07 28.49
C PRO A 72 20.37 2.70 29.81
N LYS A 73 21.27 2.67 30.78
CA LYS A 73 21.00 3.21 32.11
C LYS A 73 20.81 4.72 31.99
N GLY A 74 20.10 5.30 32.95
CA GLY A 74 19.81 6.73 32.96
C GLY A 74 19.06 7.19 31.72
N GLU A 75 18.14 6.33 31.26
CA GLU A 75 17.28 6.61 30.10
C GLU A 75 15.81 6.50 30.46
N SER A 76 15.03 7.51 30.08
CA SER A 76 13.60 7.58 30.44
C SER A 76 12.73 6.55 29.71
N LYS A 77 13.00 6.36 28.41
CA LYS A 77 12.29 5.35 27.62
C LYS A 77 13.22 4.75 26.57
N ASP A 78 12.72 3.73 25.85
CA ASP A 78 13.52 2.99 24.86
C ASP A 78 13.95 3.83 23.68
N LEU A 79 15.09 3.47 23.14
CA LEU A 79 15.60 4.14 21.98
C LEU A 79 15.59 3.17 20.82
N LEU A 80 15.60 3.71 19.61
CA LEU A 80 15.49 2.86 18.44
C LEU A 80 16.75 2.82 17.62
N PHE A 81 17.31 1.63 17.46
CA PHE A 81 18.46 1.47 16.58
C PHE A 81 18.01 1.00 15.22
N ILE A 82 18.45 1.66 14.17
CA ILE A 82 18.04 1.24 12.85
C ILE A 82 19.21 1.17 11.91
N LEU A 83 19.33 0.04 11.23
CA LEU A 83 20.34 -0.11 10.22
C LEU A 83 19.81 -0.37 8.84
N THR A 84 20.16 0.50 7.92
CA THR A 84 19.80 0.34 6.53
C THR A 84 20.62 -0.68 5.74
N ALA A 85 20.14 -0.96 4.54
CA ALA A 85 20.84 -1.90 3.68
C ALA A 85 22.02 -1.28 2.92
N LYS A 86 22.21 0.04 3.01
CA LYS A 86 23.40 0.68 2.47
C LYS A 86 24.23 1.15 3.62
N TYR A 87 23.98 0.50 4.75
CA TYR A 87 24.84 0.54 5.91
C TYR A 87 24.77 1.85 6.67
N ASN A 88 23.65 2.56 6.53
CA ASN A 88 23.31 3.69 7.42
C ASN A 88 22.88 3.24 8.77
N ALA A 89 23.75 3.35 9.77
CA ALA A 89 23.32 3.17 11.16
C ALA A 89 22.67 4.45 11.64
N CYS A 90 21.82 4.35 12.63
CA CYS A 90 21.33 5.55 13.30
C CYS A 90 20.53 5.20 14.51
N ILE A 91 20.25 6.19 15.37
CA ILE A 91 19.56 5.90 16.60
C ILE A 91 18.50 6.92 16.81
N LEU A 92 17.26 6.48 16.85
CA LEU A 92 16.17 7.42 16.91
C LEU A 92 15.53 7.44 18.27
N GLU A 93 14.79 8.54 18.50
CA GLU A 93 14.09 8.82 19.75
C GLU A 93 12.74 9.42 19.47
N TYR A 94 11.75 9.04 20.27
CA TYR A 94 10.40 9.57 20.14
C TYR A 94 10.24 10.88 20.89
N LYS A 95 9.80 11.92 20.17
CA LYS A 95 9.78 13.28 20.70
C LYS A 95 8.47 13.98 20.40
N GLN A 96 7.54 13.97 21.36
CA GLN A 96 6.29 14.68 21.14
C GLN A 96 6.28 16.01 21.86
N SER A 97 6.44 17.10 21.11
CA SER A 97 6.32 18.44 21.68
C SER A 97 4.84 18.81 21.79
N GLY A 98 4.19 18.21 22.78
CA GLY A 98 2.77 18.46 23.07
C GLY A 98 1.82 17.93 22.03
N GLU A 99 1.74 18.63 20.89
CA GLU A 99 0.90 18.20 19.77
C GLU A 99 1.76 17.78 18.55
N SER A 100 2.85 18.51 18.29
CA SER A 100 3.80 18.09 17.25
C SER A 100 4.48 16.81 17.68
N ILE A 101 4.57 15.88 16.75
CA ILE A 101 5.30 14.65 16.98
C ILE A 101 6.54 14.68 16.11
N ASP A 102 7.61 14.10 16.64
CA ASP A 102 8.90 14.07 15.97
C ASP A 102 9.71 12.85 16.37
N ILE A 103 10.38 12.28 15.38
CA ILE A 103 11.39 11.28 15.61
C ILE A 103 12.75 11.94 15.45
N ILE A 104 13.57 11.91 16.51
CA ILE A 104 14.84 12.62 16.49
C ILE A 104 16.04 11.66 16.36
N THR A 105 17.08 12.15 15.70
CA THR A 105 18.26 11.35 15.46
C THR A 105 19.28 11.64 16.53
N ARG A 106 19.51 10.67 17.40
CA ARG A 106 20.43 10.83 18.52
C ARG A 106 21.86 10.57 18.08
N ALA A 107 22.02 9.76 17.04
CA ALA A 107 23.31 9.44 16.48
C ALA A 107 23.10 8.88 15.09
N HIS A 108 24.18 8.81 14.31
CA HIS A 108 24.15 8.23 12.99
C HIS A 108 25.50 8.23 12.33
N GLY A 109 25.74 7.21 11.53
CA GLY A 109 26.90 7.21 10.70
C GLY A 109 26.85 6.01 9.81
N ASN A 110 27.52 6.11 8.68
CA ASN A 110 27.58 5.00 7.78
C ASN A 110 28.65 3.98 8.10
N VAL A 111 28.24 2.73 8.33
CA VAL A 111 29.14 1.67 8.79
C VAL A 111 29.65 0.66 7.76
N GLN A 112 29.48 0.94 6.48
CA GLN A 112 29.96 -0.02 5.49
C GLN A 112 31.47 -0.03 5.54
N ASP A 113 32.09 -1.01 4.90
CA ASP A 113 33.53 -1.06 4.85
C ASP A 113 33.88 -1.16 3.38
N ARG A 114 35.05 -0.65 2.99
CA ARG A 114 35.54 -0.78 1.61
C ARG A 114 35.73 -2.27 1.25
N ILE A 115 36.16 -3.07 2.23
CA ILE A 115 36.35 -4.50 2.08
C ILE A 115 35.02 -5.17 2.30
N GLY A 116 35.07 -6.48 2.54
CA GLY A 116 33.91 -7.27 2.84
C GLY A 116 33.03 -7.56 1.65
N ARG A 117 32.91 -8.86 1.35
CA ARG A 117 31.88 -9.41 0.48
C ARG A 117 30.78 -9.84 1.44
N PRO A 118 29.51 -9.34 1.23
CA PRO A 118 28.39 -9.46 2.17
C PRO A 118 28.01 -10.92 2.40
N SER A 119 27.71 -11.29 3.64
CA SER A 119 27.82 -12.71 4.01
C SER A 119 26.64 -13.62 3.67
N GLU A 120 26.53 -14.72 4.41
CA GLU A 120 25.46 -15.68 4.21
C GLU A 120 24.46 -15.62 5.36
N THR A 121 23.20 -15.36 5.00
CA THR A 121 22.12 -14.97 5.93
C THR A 121 22.07 -13.44 6.01
N GLY A 122 22.79 -12.80 5.09
CA GLY A 122 22.81 -11.34 5.01
C GLY A 122 23.10 -10.65 6.32
N ILE A 123 22.64 -9.40 6.44
CA ILE A 123 22.98 -8.58 7.62
C ILE A 123 22.38 -9.17 8.88
N ILE A 124 23.10 -9.07 10.01
CA ILE A 124 22.53 -9.32 11.33
C ILE A 124 23.01 -8.24 12.27
N GLY A 125 22.11 -7.54 12.94
CA GLY A 125 22.49 -6.67 14.04
C GLY A 125 22.05 -7.25 15.36
N ILE A 126 22.84 -7.10 16.41
CA ILE A 126 22.42 -7.57 17.72
C ILE A 126 22.86 -6.58 18.77
N ILE A 127 22.24 -6.65 19.95
CA ILE A 127 22.59 -5.76 21.06
C ILE A 127 22.80 -6.50 22.39
N ASP A 128 23.90 -6.22 23.07
CA ASP A 128 24.11 -6.76 24.41
C ASP A 128 23.01 -6.21 25.32
N PRO A 129 22.38 -7.10 26.14
CA PRO A 129 21.34 -6.74 27.10
C PRO A 129 21.71 -5.57 28.01
N GLU A 130 22.94 -5.55 28.51
CA GLU A 130 23.37 -4.44 29.37
C GLU A 130 23.56 -3.11 28.59
N CYS A 131 23.41 -3.18 27.25
CA CYS A 131 23.40 -2.01 26.37
C CYS A 131 24.73 -1.29 26.26
N ARG A 132 25.81 -2.04 26.47
CA ARG A 132 27.13 -1.48 26.36
C ARG A 132 27.51 -1.25 24.90
N MET A 133 26.87 -2.00 23.99
CA MET A 133 27.28 -2.01 22.60
C MET A 133 26.34 -2.72 21.63
N ILE A 134 26.67 -2.60 20.35
CA ILE A 134 25.89 -3.17 19.27
C ILE A 134 26.82 -3.97 18.39
N GLY A 135 26.43 -5.22 18.18
CA GLY A 135 27.24 -6.17 17.47
C GLY A 135 26.61 -6.43 16.12
N LEU A 136 27.45 -6.64 15.13
CA LEU A 136 26.98 -6.68 13.78
C LEU A 136 27.75 -7.68 12.94
N ARG A 137 27.03 -8.27 12.00
CA ARG A 137 27.63 -9.11 11.02
C ARG A 137 27.18 -8.57 9.69
N LEU A 138 28.12 -8.11 8.87
CA LEU A 138 27.77 -7.63 7.57
C LEU A 138 28.56 -8.42 6.56
N TYR A 139 29.77 -8.80 6.95
CA TYR A 139 30.67 -9.48 6.01
C TYR A 139 31.24 -10.69 6.64
N ASP A 140 31.69 -11.57 5.77
CA ASP A 140 32.33 -12.80 6.19
C ASP A 140 33.70 -12.53 6.80
N GLY A 141 33.93 -13.06 7.99
CA GLY A 141 35.22 -12.94 8.62
C GLY A 141 35.30 -11.78 9.57
N LEU A 142 34.46 -10.76 9.38
CA LEU A 142 34.53 -9.63 10.30
C LEU A 142 33.30 -9.51 11.14
N PHE A 143 33.44 -8.80 12.23
CA PHE A 143 32.34 -8.55 13.10
C PHE A 143 32.54 -7.15 13.61
N LYS A 144 31.83 -6.19 13.01
CA LYS A 144 31.83 -4.78 13.41
C LYS A 144 31.28 -4.63 14.84
N VAL A 145 31.79 -3.69 15.62
CA VAL A 145 31.19 -3.41 16.93
C VAL A 145 31.05 -1.93 17.16
N ILE A 146 29.83 -1.51 17.45
CA ILE A 146 29.59 -0.12 17.75
C ILE A 146 29.43 0.01 19.23
N PRO A 147 30.48 0.49 19.92
CA PRO A 147 30.46 0.70 21.37
C PRO A 147 29.53 1.83 21.68
N LEU A 148 28.81 1.71 22.78
CA LEU A 148 27.80 2.71 23.15
C LEU A 148 28.25 3.58 24.31
N ASP A 149 28.19 4.89 24.07
CA ASP A 149 28.56 5.91 25.04
C ASP A 149 27.66 7.09 24.76
N ARG A 150 27.67 8.07 25.68
CA ARG A 150 26.74 9.18 25.61
C ARG A 150 26.92 9.88 24.28
N ASP A 151 28.18 9.94 23.85
CA ASP A 151 28.56 10.43 22.55
C ASP A 151 28.49 9.30 21.54
N ASN A 152 29.65 8.92 20.98
CA ASN A 152 29.72 8.09 19.78
C ASN A 152 28.61 8.46 18.79
N LYS A 153 28.26 9.75 18.78
CA LYS A 153 27.16 10.31 18.00
C LYS A 153 27.29 10.12 16.49
N GLU A 154 28.42 9.50 16.10
CA GLU A 154 28.73 9.15 14.71
C GLU A 154 29.03 7.66 14.59
N LEU A 155 28.51 6.92 15.57
CA LEU A 155 28.55 5.45 15.61
C LEU A 155 29.80 4.88 15.03
N LYS A 156 30.91 5.26 15.63
CA LYS A 156 32.20 4.75 15.19
C LYS A 156 32.31 3.33 15.70
N ALA A 157 32.77 2.46 14.82
CA ALA A 157 32.85 1.05 15.12
C ALA A 157 34.17 0.50 14.65
N PHE A 158 34.55 -0.65 15.20
CA PHE A 158 35.72 -1.35 14.71
C PHE A 158 35.32 -2.76 14.39
N ASN A 159 35.97 -3.36 13.42
CA ASN A 159 35.80 -4.78 13.18
C ASN A 159 36.77 -5.58 14.03
N ILE A 160 36.36 -6.74 14.52
CA ILE A 160 37.28 -7.72 15.03
C ILE A 160 37.43 -8.76 13.93
N ARG A 161 38.42 -9.64 14.01
CA ARG A 161 38.50 -10.71 13.02
C ARG A 161 37.80 -11.96 13.51
N LEU A 162 37.21 -12.69 12.56
CA LEU A 162 36.42 -13.87 12.87
C LEU A 162 36.90 -15.09 12.12
N GLU A 163 37.55 -16.00 12.86
CA GLU A 163 38.01 -17.27 12.31
C GLU A 163 36.97 -17.92 11.38
N GLU A 164 35.73 -17.96 11.86
CA GLU A 164 34.65 -18.65 11.16
C GLU A 164 34.09 -17.81 10.01
N LEU A 165 34.39 -18.27 8.79
CA LEU A 165 34.08 -17.55 7.57
C LEU A 165 32.62 -17.65 7.13
N HIS A 166 31.82 -18.40 7.89
CA HIS A 166 30.45 -18.76 7.50
C HIS A 166 29.53 -18.93 8.73
N VAL A 167 29.01 -17.82 9.22
CA VAL A 167 28.11 -17.82 10.38
C VAL A 167 26.63 -17.80 9.96
N ILE A 168 25.84 -18.56 10.71
CA ILE A 168 24.42 -18.80 10.40
C ILE A 168 23.54 -17.79 11.13
N ASP A 169 23.63 -17.78 12.46
CA ASP A 169 22.94 -16.80 13.31
C ASP A 169 23.73 -16.56 14.61
N VAL A 170 23.36 -15.52 15.34
CA VAL A 170 24.16 -14.98 16.44
C VAL A 170 23.27 -14.13 17.30
N LYS A 171 23.48 -14.24 18.61
CA LYS A 171 22.84 -13.38 19.57
C LYS A 171 23.87 -13.18 20.65
N PHE A 172 23.70 -12.14 21.46
CA PHE A 172 24.39 -12.05 22.75
C PHE A 172 23.62 -12.90 23.75
N LEU A 173 24.34 -13.58 24.63
CA LEU A 173 23.78 -14.37 25.74
C LEU A 173 23.45 -13.49 26.93
N TYR A 174 22.64 -14.03 27.83
CA TYR A 174 22.28 -13.29 29.03
C TYR A 174 23.04 -13.85 30.20
N GLY A 175 23.10 -13.06 31.27
CA GLY A 175 23.71 -13.47 32.53
C GLY A 175 25.21 -13.51 32.42
N CYS A 176 25.73 -12.85 31.40
CA CYS A 176 27.16 -12.85 31.18
C CYS A 176 27.80 -11.64 31.82
N GLN A 177 28.91 -11.88 32.49
CA GLN A 177 29.71 -10.80 33.07
C GLN A 177 30.13 -9.92 31.90
N ALA A 178 31.10 -10.41 31.15
CA ALA A 178 31.52 -9.77 29.92
C ALA A 178 30.54 -10.10 28.78
N PRO A 179 30.05 -9.06 28.08
CA PRO A 179 29.47 -9.14 26.74
C PRO A 179 29.93 -10.37 25.98
N THR A 180 29.06 -11.37 25.92
CA THR A 180 29.39 -12.65 25.28
C THR A 180 28.47 -12.92 24.08
N ILE A 181 29.06 -13.14 22.91
CA ILE A 181 28.25 -13.55 21.77
C ILE A 181 28.11 -15.06 21.74
N CYS A 182 27.18 -15.52 20.92
CA CYS A 182 26.98 -16.92 20.70
C CYS A 182 26.45 -17.11 19.29
N PHE A 183 27.02 -18.07 18.58
CA PHE A 183 26.71 -18.22 17.17
C PHE A 183 26.84 -19.64 16.65
N VAL A 184 26.13 -19.90 15.57
CA VAL A 184 26.18 -21.17 14.93
C VAL A 184 26.83 -20.91 13.59
N TYR A 185 27.79 -21.75 13.23
CA TYR A 185 28.49 -21.58 11.97
C TYR A 185 28.75 -22.93 11.29
N GLN A 186 28.89 -22.89 9.96
CA GLN A 186 29.15 -24.08 9.16
C GLN A 186 30.58 -24.04 8.63
N ASP A 187 31.28 -25.15 8.82
CA ASP A 187 32.53 -25.43 8.12
C ASP A 187 32.47 -26.87 7.63
N PRO A 188 33.32 -27.22 6.67
CA PRO A 188 33.34 -28.58 6.12
C PRO A 188 32.35 -29.50 6.83
N GLN A 189 32.86 -30.32 7.75
CA GLN A 189 32.03 -31.26 8.50
C GLN A 189 30.57 -30.83 8.54
N GLY A 190 30.16 -30.24 9.65
CA GLY A 190 28.78 -29.78 9.81
C GLY A 190 28.70 -28.40 10.40
N ARG A 191 27.78 -28.21 11.35
CA ARG A 191 27.61 -26.93 12.00
C ARG A 191 27.97 -27.06 13.44
N HIS A 192 28.46 -25.96 13.99
CA HIS A 192 28.97 -25.93 15.35
C HIS A 192 28.47 -24.69 16.05
N VAL A 193 28.44 -24.73 17.38
CA VAL A 193 28.00 -23.61 18.18
C VAL A 193 29.18 -23.10 19.00
N LYS A 194 29.54 -21.84 18.82
CA LYS A 194 30.70 -21.26 19.49
C LYS A 194 30.36 -20.01 20.32
N THR A 195 31.24 -19.65 21.25
CA THR A 195 31.02 -18.45 22.06
C THR A 195 32.29 -17.63 22.16
N TYR A 196 32.16 -16.30 22.18
CA TYR A 196 33.27 -15.45 22.60
C TYR A 196 32.76 -14.46 23.62
N GLU A 197 33.69 -13.91 24.40
CA GLU A 197 33.46 -12.66 25.15
C GLU A 197 33.83 -11.54 24.20
N VAL A 198 33.50 -10.32 24.56
CA VAL A 198 33.98 -9.22 23.76
C VAL A 198 34.48 -8.13 24.68
N SER A 199 35.79 -8.01 24.75
CA SER A 199 36.43 -6.89 25.41
C SER A 199 36.68 -5.86 24.35
N LEU A 200 36.27 -4.64 24.64
CA LEU A 200 36.33 -3.53 23.70
C LEU A 200 37.53 -2.65 23.98
N ARG A 201 37.96 -2.68 25.23
CA ARG A 201 39.21 -2.08 25.66
C ARG A 201 40.33 -2.41 24.68
N GLU A 202 40.53 -3.69 24.41
CA GLU A 202 41.64 -4.14 23.59
C GLU A 202 41.21 -4.57 22.21
N LYS A 203 39.90 -4.53 22.03
CA LYS A 203 39.23 -4.95 20.82
C LYS A 203 39.68 -6.29 20.19
N GLU A 204 39.21 -7.43 20.68
CA GLU A 204 39.56 -8.73 20.11
C GLU A 204 38.33 -9.63 20.37
N PHE A 205 38.32 -10.40 21.45
CA PHE A 205 37.24 -11.33 21.84
C PHE A 205 37.91 -11.78 23.13
N ASN A 206 38.02 -13.08 23.35
CA ASN A 206 38.64 -13.59 24.57
C ASN A 206 37.98 -14.98 24.42
N LYS A 207 37.76 -15.70 25.51
CA LYS A 207 37.15 -17.00 25.38
C LYS A 207 35.78 -16.84 26.02
N GLY A 208 34.85 -17.47 25.31
CA GLY A 208 33.43 -17.54 25.59
C GLY A 208 33.26 -18.77 26.46
N PRO A 209 32.41 -18.53 27.44
CA PRO A 209 32.02 -19.29 28.63
C PRO A 209 32.02 -20.80 28.44
N TRP A 210 31.70 -21.29 27.25
CA TRP A 210 31.69 -22.75 27.04
C TRP A 210 32.13 -23.34 25.72
N LYS A 211 32.59 -24.58 25.84
CA LYS A 211 33.24 -25.30 24.77
C LYS A 211 32.38 -25.28 23.55
N GLN A 212 33.02 -25.11 22.41
CA GLN A 212 32.38 -25.31 21.13
C GLN A 212 31.79 -26.72 21.05
N GLU A 213 30.47 -26.80 20.96
CA GLU A 213 29.80 -28.08 20.78
C GLU A 213 29.41 -28.26 19.30
N ASN A 214 28.78 -29.39 18.98
CA ASN A 214 28.18 -29.59 17.67
C ASN A 214 26.70 -29.24 17.66
N VAL A 215 26.17 -28.99 16.47
CA VAL A 215 24.73 -28.78 16.27
C VAL A 215 24.37 -29.41 14.93
N GLU A 216 23.08 -29.48 14.62
CA GLU A 216 22.66 -30.26 13.47
C GLU A 216 22.88 -29.58 12.11
N ALA A 217 23.06 -30.42 11.10
CA ALA A 217 23.21 -30.02 9.70
C ALA A 217 22.44 -28.78 9.34
N GLU A 218 21.21 -28.66 9.84
CA GLU A 218 20.39 -27.52 9.44
C GLU A 218 19.96 -26.62 10.61
N ALA A 219 20.73 -26.67 11.69
CA ALA A 219 20.61 -25.67 12.76
C ALA A 219 20.72 -24.26 12.15
N SER A 220 19.78 -23.38 12.53
CA SER A 220 19.63 -22.14 11.81
C SER A 220 19.20 -20.94 12.64
N MET A 221 18.58 -21.20 13.78
CA MET A 221 18.11 -20.10 14.60
C MET A 221 18.79 -20.21 15.94
N VAL A 222 19.03 -19.06 16.55
CA VAL A 222 19.62 -19.05 17.84
C VAL A 222 18.78 -18.15 18.68
N ILE A 223 18.26 -18.72 19.76
CA ILE A 223 17.53 -17.96 20.77
C ILE A 223 18.38 -17.91 22.01
N ALA A 224 18.37 -16.75 22.65
CA ALA A 224 19.15 -16.51 23.83
C ALA A 224 18.22 -16.19 25.00
N VAL A 225 18.12 -17.12 25.93
CA VAL A 225 17.15 -17.06 26.99
C VAL A 225 17.55 -16.09 28.11
N PRO A 226 16.62 -15.17 28.45
CA PRO A 226 16.84 -14.13 29.46
C PRO A 226 17.25 -14.65 30.83
N GLU A 227 17.98 -13.75 31.50
CA GLU A 227 18.53 -13.90 32.84
C GLU A 227 18.11 -15.13 33.63
N PRO A 228 16.89 -15.14 34.18
CA PRO A 228 16.59 -16.18 35.18
C PRO A 228 16.75 -17.61 34.67
N PHE A 229 17.10 -17.77 33.40
CA PHE A 229 17.45 -19.07 32.84
C PHE A 229 18.84 -19.07 32.19
N GLY A 230 19.11 -18.06 31.36
CA GLY A 230 20.32 -18.00 30.55
C GLY A 230 20.40 -19.15 29.56
N GLY A 231 21.44 -19.15 28.75
CA GLY A 231 21.69 -20.28 27.82
C GLY A 231 21.20 -19.99 26.42
N ALA A 232 21.17 -21.02 25.59
CA ALA A 232 20.86 -20.80 24.19
C ALA A 232 20.01 -21.87 23.54
N ILE A 233 18.99 -21.43 22.82
CA ILE A 233 18.14 -22.34 22.13
C ILE A 233 18.49 -22.41 20.66
N ILE A 234 18.62 -23.64 20.15
CA ILE A 234 19.14 -23.91 18.84
C ILE A 234 18.11 -24.68 18.02
N ILE A 235 17.84 -24.23 16.80
CA ILE A 235 16.75 -24.83 16.07
C ILE A 235 17.18 -25.31 14.70
N GLY A 236 17.04 -26.60 14.48
CA GLY A 236 17.33 -27.19 13.18
C GLY A 236 16.05 -27.64 12.55
N GLN A 237 16.11 -28.70 11.75
CA GLN A 237 14.91 -29.38 11.26
C GLN A 237 14.61 -30.56 12.18
N GLU A 238 13.33 -30.94 12.26
CA GLU A 238 12.91 -32.03 13.17
C GLU A 238 13.36 -31.92 14.64
N SER A 239 14.33 -31.04 14.92
CA SER A 239 15.03 -31.02 16.19
C SER A 239 15.29 -29.60 16.75
N ILE A 240 15.30 -29.52 18.07
CA ILE A 240 15.45 -28.28 18.84
C ILE A 240 16.25 -28.66 20.04
N THR A 241 17.21 -27.81 20.42
CA THR A 241 18.13 -28.10 21.52
C THR A 241 18.43 -26.89 22.40
N TYR A 242 18.96 -27.16 23.58
CA TYR A 242 19.34 -26.15 24.53
C TYR A 242 20.77 -26.40 24.94
N HIS A 243 21.51 -25.31 25.14
CA HIS A 243 22.87 -25.37 25.61
C HIS A 243 23.06 -24.27 26.59
N ASN A 244 23.92 -24.54 27.56
CA ASN A 244 24.47 -23.56 28.50
C ASN A 244 25.47 -24.34 29.31
N GLY A 245 26.67 -23.80 29.47
CA GLY A 245 27.76 -24.53 30.10
C GLY A 245 27.67 -26.01 29.80
N ASP A 246 27.54 -26.80 30.88
CA ASP A 246 27.54 -28.27 30.83
C ASP A 246 26.18 -28.84 30.43
N LYS A 247 25.16 -27.99 30.46
CA LYS A 247 23.77 -28.41 30.32
C LYS A 247 23.38 -28.55 28.86
N TYR A 248 22.84 -29.72 28.52
CA TYR A 248 22.46 -30.01 27.14
C TYR A 248 21.14 -30.74 27.08
N LEU A 249 20.06 -30.00 26.76
CA LEU A 249 18.70 -30.56 26.69
C LEU A 249 18.16 -30.58 25.26
N ALA A 250 17.60 -31.70 24.81
CA ALA A 250 17.15 -31.79 23.41
C ALA A 250 15.91 -32.64 23.13
N ILE A 251 15.17 -32.29 22.05
CA ILE A 251 13.95 -33.00 21.63
C ILE A 251 13.82 -33.10 20.10
N ALA A 252 13.11 -34.11 19.64
CA ALA A 252 12.97 -34.31 18.19
C ALA A 252 11.52 -34.61 17.71
N PRO A 253 10.60 -33.62 17.88
CA PRO A 253 9.16 -33.82 17.72
C PRO A 253 8.77 -33.92 16.27
N PRO A 254 8.46 -35.14 15.79
CA PRO A 254 8.18 -35.34 14.37
C PRO A 254 7.29 -34.22 13.83
N ILE A 255 6.45 -33.67 14.72
CA ILE A 255 5.53 -32.60 14.40
C ILE A 255 6.15 -31.51 13.54
N ILE A 256 7.36 -31.07 13.92
CA ILE A 256 8.04 -29.98 13.19
C ILE A 256 8.81 -30.43 11.97
N LYS A 257 9.18 -31.71 11.90
CA LYS A 257 10.04 -32.16 10.82
C LYS A 257 9.43 -31.68 9.53
N GLN A 258 8.09 -31.71 9.46
CA GLN A 258 7.34 -31.33 8.26
C GLN A 258 7.74 -29.97 7.63
N SER A 259 8.21 -29.04 8.47
CA SER A 259 8.64 -27.76 7.96
C SER A 259 9.73 -27.12 8.80
N THR A 260 10.38 -26.14 8.19
CA THR A 260 11.43 -25.37 8.83
C THR A 260 10.84 -24.27 9.67
N ILE A 261 11.40 -24.11 10.86
CA ILE A 261 11.14 -22.92 11.64
C ILE A 261 11.85 -21.71 11.01
N VAL A 262 11.32 -20.51 11.26
CA VAL A 262 11.64 -19.40 10.38
C VAL A 262 11.61 -18.09 11.13
N CYS A 263 10.91 -18.08 12.27
CA CYS A 263 10.82 -16.92 13.14
C CYS A 263 10.33 -17.34 14.51
N HIS A 264 10.71 -16.56 15.51
CA HIS A 264 10.42 -16.88 16.89
C HIS A 264 10.20 -15.61 17.69
N ASN A 265 9.70 -15.75 18.90
CA ASN A 265 9.40 -14.60 19.69
C ASN A 265 9.16 -14.97 21.12
N ARG A 266 9.80 -14.26 22.05
CA ARG A 266 9.53 -14.51 23.43
C ARG A 266 8.18 -13.93 23.80
N VAL A 267 7.43 -14.72 24.56
CA VAL A 267 6.15 -14.35 25.14
C VAL A 267 6.40 -13.87 26.57
N ASP A 268 7.01 -14.73 27.36
CA ASP A 268 7.15 -14.47 28.77
C ASP A 268 8.52 -13.85 29.06
N PRO A 269 8.52 -12.59 29.50
CA PRO A 269 9.77 -11.93 29.84
C PRO A 269 10.79 -12.89 30.46
N ASN A 270 10.34 -13.76 31.36
CA ASN A 270 11.23 -14.71 32.02
C ASN A 270 11.69 -15.72 31.00
N GLY A 271 10.80 -16.03 30.06
CA GLY A 271 11.16 -16.84 28.91
C GLY A 271 10.83 -18.31 29.02
N SER A 272 9.75 -18.64 29.73
CA SER A 272 9.24 -20.00 29.75
C SER A 272 8.57 -20.32 28.42
N ARG A 273 8.04 -19.28 27.77
CA ARG A 273 7.28 -19.45 26.52
C ARG A 273 7.79 -18.61 25.35
N TYR A 274 7.60 -19.16 24.15
CA TYR A 274 8.12 -18.62 22.91
C TYR A 274 7.23 -19.06 21.78
N LEU A 275 7.00 -18.17 20.82
CA LEU A 275 6.28 -18.52 19.59
C LEU A 275 7.23 -19.01 18.50
N LEU A 276 6.74 -19.83 17.58
CA LEU A 276 7.60 -20.33 16.53
C LEU A 276 6.87 -20.30 15.21
N GLY A 277 7.52 -19.75 14.19
CA GLY A 277 6.91 -19.62 12.89
C GLY A 277 7.45 -20.67 11.95
N ASP A 278 6.73 -20.91 10.87
CA ASP A 278 6.92 -22.08 10.03
C ASP A 278 6.81 -21.72 8.54
N MET A 279 7.59 -22.32 7.65
CA MET A 279 7.38 -22.06 6.22
C MET A 279 5.91 -22.23 5.87
N GLU A 280 5.22 -23.10 6.63
CA GLU A 280 3.83 -23.54 6.39
C GLU A 280 2.75 -22.55 6.83
N GLY A 281 2.99 -21.83 7.92
CA GLY A 281 1.96 -20.94 8.49
C GLY A 281 1.59 -21.40 9.90
N ARG A 282 2.21 -22.48 10.34
CA ARG A 282 1.90 -23.10 11.63
C ARG A 282 2.55 -22.34 12.77
N LEU A 283 1.91 -22.36 13.92
CA LEU A 283 2.37 -21.56 15.03
C LEU A 283 2.63 -22.46 16.20
N PHE A 284 3.78 -22.32 16.82
CA PHE A 284 4.08 -23.22 17.90
C PHE A 284 4.27 -22.47 19.17
N MET A 285 4.09 -23.18 20.26
CA MET A 285 4.49 -22.74 21.58
C MET A 285 5.65 -23.63 21.99
N LEU A 286 6.73 -23.00 22.40
CA LEU A 286 7.88 -23.74 22.85
C LEU A 286 8.00 -23.55 24.34
N LEU A 287 7.87 -24.64 25.08
CA LEU A 287 7.81 -24.51 26.53
C LEU A 287 9.03 -25.03 27.22
N LEU A 288 9.46 -24.23 28.19
CA LEU A 288 10.61 -24.52 28.99
C LEU A 288 10.12 -24.81 30.38
N GLU A 289 10.22 -26.07 30.77
CA GLU A 289 9.80 -26.47 32.09
C GLU A 289 10.89 -26.15 33.11
N LYS A 290 10.59 -25.18 33.99
CA LYS A 290 11.48 -24.75 35.07
C LYS A 290 11.61 -25.84 36.09
N GLU A 291 12.11 -25.51 37.27
CA GLU A 291 12.29 -26.45 38.38
C GLU A 291 13.21 -25.85 39.41
N GLU A 292 12.91 -26.09 40.68
CA GLU A 292 13.53 -25.32 41.74
C GLU A 292 14.26 -26.17 42.77
N GLN A 293 15.04 -25.48 43.59
CA GLN A 293 15.44 -25.94 44.91
C GLN A 293 15.48 -24.68 45.78
N MET A 294 15.61 -24.84 47.10
CA MET A 294 15.43 -23.73 48.06
C MET A 294 16.38 -22.53 47.91
N ASP A 295 17.45 -22.45 48.70
CA ASP A 295 18.47 -21.41 48.47
C ASP A 295 19.38 -21.78 47.30
N GLY A 296 18.77 -21.81 46.12
CA GLY A 296 19.39 -22.14 44.84
C GLY A 296 18.39 -21.81 43.74
N THR A 297 18.86 -21.26 42.62
CA THR A 297 17.98 -20.74 41.57
C THR A 297 17.22 -21.84 40.81
N VAL A 298 17.13 -21.70 39.49
CA VAL A 298 16.24 -22.53 38.69
C VAL A 298 16.90 -23.18 37.46
N THR A 299 16.96 -24.50 37.52
CA THR A 299 17.41 -25.33 36.40
C THR A 299 16.38 -25.32 35.25
N LEU A 300 16.44 -26.35 34.42
CA LEU A 300 15.40 -26.64 33.44
C LEU A 300 15.33 -28.15 33.28
N LYS A 301 14.13 -28.71 33.40
CA LYS A 301 13.98 -30.14 33.34
C LYS A 301 13.68 -30.60 31.92
N ASP A 302 12.76 -29.92 31.23
CA ASP A 302 12.45 -30.27 29.84
C ASP A 302 11.99 -29.05 29.06
N LEU A 303 11.63 -29.31 27.80
CA LEU A 303 11.04 -28.35 26.88
C LEU A 303 10.15 -29.09 25.85
N ARG A 304 9.07 -28.45 25.39
CA ARG A 304 8.25 -29.07 24.32
C ARG A 304 7.52 -28.11 23.38
N VAL A 305 7.02 -28.71 22.30
CA VAL A 305 6.34 -28.02 21.25
C VAL A 305 4.87 -28.40 21.29
N GLU A 306 4.03 -27.40 21.18
CA GLU A 306 2.61 -27.63 21.06
C GLU A 306 2.08 -26.86 19.89
N LEU A 307 1.64 -27.54 18.84
CA LEU A 307 1.01 -26.83 17.75
C LEU A 307 -0.09 -25.94 18.29
N LEU A 308 -0.27 -24.78 17.71
CA LEU A 308 -1.33 -23.90 18.14
C LEU A 308 -2.30 -23.68 17.00
N GLY A 309 -1.78 -23.68 15.79
CA GLY A 309 -2.67 -23.49 14.68
C GLY A 309 -1.97 -22.89 13.50
N GLU A 310 -2.56 -21.84 12.94
CA GLU A 310 -2.19 -21.43 11.63
C GLU A 310 -2.35 -19.92 11.51
N THR A 311 -1.26 -19.27 11.12
CA THR A 311 -1.24 -17.85 10.88
C THR A 311 -0.98 -17.71 9.41
N SER A 312 -0.81 -16.47 8.94
CA SER A 312 -0.32 -16.25 7.60
C SER A 312 1.08 -16.71 7.69
N ILE A 313 1.76 -16.88 6.57
CA ILE A 313 3.17 -17.19 6.65
C ILE A 313 3.88 -16.00 7.33
N ALA A 314 4.58 -16.31 8.42
CA ALA A 314 5.18 -15.28 9.27
C ALA A 314 6.66 -15.11 8.96
N GLU A 315 7.04 -13.83 8.75
CA GLU A 315 8.44 -13.41 8.82
C GLU A 315 8.69 -13.00 10.23
N CYS A 316 7.92 -11.99 10.65
CA CYS A 316 8.02 -11.30 11.92
C CYS A 316 6.83 -11.73 12.79
N LEU A 317 7.05 -11.87 14.10
CA LEU A 317 6.06 -12.47 15.00
C LEU A 317 6.24 -11.94 16.40
N THR A 318 5.20 -11.34 16.96
CA THR A 318 5.36 -10.54 18.18
C THR A 318 4.18 -10.58 19.14
N TYR A 319 4.36 -11.27 20.26
CA TYR A 319 3.39 -11.30 21.35
C TYR A 319 3.19 -9.91 21.85
N LEU A 320 1.96 -9.53 22.21
CA LEU A 320 1.69 -8.19 22.77
C LEU A 320 0.97 -8.28 24.12
N ASP A 321 -0.18 -7.60 24.21
CA ASP A 321 -1.07 -7.75 25.34
C ASP A 321 -1.60 -9.17 25.45
N ASN A 322 -2.49 -9.36 26.41
CA ASN A 322 -2.97 -10.66 26.79
C ASN A 322 -3.41 -11.51 25.60
N GLY A 323 -2.62 -12.56 25.35
CA GLY A 323 -2.93 -13.59 24.35
C GLY A 323 -3.00 -13.09 22.92
N VAL A 324 -2.81 -11.79 22.72
CA VAL A 324 -2.76 -11.23 21.36
C VAL A 324 -1.34 -11.28 20.78
N VAL A 325 -1.28 -11.40 19.45
CA VAL A 325 -0.03 -11.63 18.75
C VAL A 325 -0.15 -10.91 17.44
N PHE A 326 0.79 -10.01 17.15
CA PHE A 326 0.91 -9.48 15.81
C PHE A 326 1.72 -10.44 15.00
N VAL A 327 1.31 -10.65 13.76
CA VAL A 327 1.95 -11.63 12.92
C VAL A 327 2.30 -10.93 11.61
N GLY A 328 3.58 -10.61 11.44
CA GLY A 328 4.02 -9.97 10.21
C GLY A 328 4.28 -10.95 9.08
N SER A 329 3.73 -10.67 7.92
CA SER A 329 3.86 -11.55 6.81
C SER A 329 4.31 -10.77 5.60
N ARG A 330 5.33 -11.27 4.87
CA ARG A 330 5.58 -10.72 3.53
C ARG A 330 4.95 -11.48 2.38
N LEU A 331 4.87 -12.81 2.50
CA LEU A 331 4.28 -13.65 1.43
C LEU A 331 2.79 -13.48 1.25
N GLY A 332 2.10 -12.94 2.26
CA GLY A 332 0.66 -12.64 2.21
C GLY A 332 0.25 -11.74 3.36
N ASP A 333 -1.05 -11.72 3.72
CA ASP A 333 -1.62 -10.69 4.64
C ASP A 333 -1.14 -10.76 6.11
N SER A 334 -0.61 -9.65 6.62
CA SER A 334 -0.32 -9.57 8.04
C SER A 334 -1.59 -9.51 8.82
N GLN A 335 -1.54 -10.02 10.04
CA GLN A 335 -2.76 -10.16 10.78
C GLN A 335 -2.51 -10.06 12.26
N LEU A 336 -3.61 -9.76 12.96
CA LEU A 336 -3.62 -9.64 14.41
C LEU A 336 -4.36 -10.83 14.93
N VAL A 337 -3.83 -11.46 15.96
CA VAL A 337 -4.24 -12.80 16.33
C VAL A 337 -4.37 -13.06 17.84
N LYS A 338 -5.45 -13.72 18.23
CA LYS A 338 -5.68 -14.04 19.62
C LYS A 338 -5.38 -15.51 19.87
N LEU A 339 -4.49 -15.76 20.84
CA LEU A 339 -4.36 -17.10 21.42
C LEU A 339 -5.27 -17.22 22.62
N ASN A 340 -6.04 -18.30 22.62
CA ASN A 340 -6.90 -18.61 23.73
C ASN A 340 -6.40 -19.85 24.43
N VAL A 341 -6.88 -20.03 25.66
CA VAL A 341 -6.51 -21.19 26.47
C VAL A 341 -7.14 -22.49 25.93
N ASP A 342 -8.27 -22.35 25.25
CA ASP A 342 -8.96 -23.51 24.69
C ASP A 342 -8.94 -23.48 23.17
N SER A 343 -9.04 -24.66 22.55
CA SER A 343 -9.01 -24.78 21.10
C SER A 343 -10.43 -24.87 20.54
N ASN A 344 -10.74 -23.99 19.59
CA ASN A 344 -12.06 -23.97 18.97
C ASN A 344 -12.36 -25.26 18.22
N GLU A 345 -12.87 -25.12 17.00
CA GLU A 345 -13.22 -26.28 16.18
C GLU A 345 -12.04 -26.70 15.32
N GLN A 346 -11.47 -27.87 15.62
CA GLN A 346 -10.34 -28.39 14.87
C GLN A 346 -9.04 -28.36 15.67
N GLY A 347 -9.12 -27.90 16.92
CA GLY A 347 -7.92 -27.83 17.75
C GLY A 347 -7.01 -26.70 17.34
N SER A 348 -7.55 -25.49 17.26
CA SER A 348 -6.78 -24.32 16.87
C SER A 348 -6.85 -23.23 17.95
N TYR A 349 -5.96 -23.30 18.92
CA TYR A 349 -5.91 -22.33 20.00
C TYR A 349 -5.73 -20.89 19.46
N VAL A 350 -5.82 -20.74 18.15
CA VAL A 350 -5.51 -19.49 17.47
C VAL A 350 -6.75 -18.93 16.82
N VAL A 351 -7.01 -17.66 17.04
CA VAL A 351 -8.11 -16.98 16.37
C VAL A 351 -7.65 -15.65 15.79
N ALA A 352 -7.99 -15.38 14.52
CA ALA A 352 -7.67 -14.10 13.90
C ALA A 352 -8.58 -13.00 14.36
N MET A 353 -8.03 -11.90 14.83
CA MET A 353 -8.81 -10.72 15.17
C MET A 353 -8.87 -9.75 14.02
N GLU A 354 -7.71 -9.32 13.54
CA GLU A 354 -7.69 -8.43 12.39
C GLU A 354 -6.82 -8.98 11.28
N THR A 355 -6.79 -8.25 10.17
CA THR A 355 -6.23 -8.77 8.94
C THR A 355 -5.88 -7.64 7.97
N PHE A 356 -4.59 -7.44 7.80
CA PHE A 356 -4.11 -6.31 7.07
C PHE A 356 -3.66 -6.72 5.66
N THR A 357 -4.15 -5.98 4.67
CA THR A 357 -3.97 -6.31 3.26
C THR A 357 -2.57 -6.08 2.86
N ASN A 358 -1.93 -7.13 2.34
CA ASN A 358 -0.53 -7.11 1.89
C ASN A 358 -0.51 -7.47 0.44
N LEU A 359 -0.20 -6.54 -0.46
CA LEU A 359 -0.08 -6.93 -1.90
C LEU A 359 1.09 -7.86 -2.21
N GLY A 360 1.75 -8.31 -1.13
CA GLY A 360 2.54 -9.54 -1.04
C GLY A 360 3.66 -9.39 -1.99
N PRO A 361 4.29 -10.49 -2.40
CA PRO A 361 5.01 -10.41 -3.68
C PRO A 361 3.98 -10.15 -4.79
N ILE A 362 4.18 -9.11 -5.59
CA ILE A 362 3.44 -8.98 -6.83
C ILE A 362 4.26 -9.62 -7.96
N VAL A 363 3.96 -10.90 -8.24
CA VAL A 363 4.70 -11.74 -9.16
C VAL A 363 4.47 -11.40 -10.64
N ASP A 364 3.24 -10.96 -10.94
CA ASP A 364 2.85 -10.45 -12.25
C ASP A 364 1.58 -9.63 -12.04
N MET A 365 1.18 -8.83 -13.02
CA MET A 365 -0.03 -8.06 -12.87
C MET A 365 -0.49 -7.60 -14.25
N CYS A 366 -1.60 -6.83 -14.33
CA CYS A 366 -2.00 -6.15 -15.60
C CYS A 366 -3.15 -5.18 -15.40
N VAL A 367 -3.49 -4.42 -16.43
CA VAL A 367 -4.58 -3.45 -16.35
C VAL A 367 -5.85 -4.00 -16.99
N VAL A 368 -6.99 -3.42 -16.62
CA VAL A 368 -8.28 -3.85 -17.16
C VAL A 368 -9.39 -2.90 -16.73
N ASP A 369 -10.20 -2.45 -17.69
CA ASP A 369 -11.30 -1.53 -17.42
C ASP A 369 -12.58 -2.29 -17.06
N LEU A 370 -12.36 -3.42 -16.48
CA LEU A 370 -13.49 -4.24 -16.10
C LEU A 370 -14.80 -3.68 -16.64
N GLU A 371 -15.46 -2.84 -15.84
CA GLU A 371 -16.71 -2.22 -16.23
C GLU A 371 -16.52 -1.33 -17.46
N ARG A 372 -15.64 -1.56 -18.30
CA ARG A 372 -15.19 -0.83 -19.43
C ARG A 372 -15.65 0.61 -19.27
N GLN A 373 -14.77 1.44 -18.72
CA GLN A 373 -15.09 2.86 -18.50
C GLN A 373 -14.10 3.80 -19.15
N GLY A 374 -12.96 3.97 -18.50
CA GLY A 374 -11.98 4.98 -18.85
C GLY A 374 -10.88 5.05 -17.80
N GLN A 375 -11.21 4.61 -16.58
CA GLN A 375 -10.19 4.33 -15.60
C GLN A 375 -9.75 2.89 -15.82
N GLY A 376 -8.53 2.58 -15.40
CA GLY A 376 -8.07 1.21 -15.36
C GLY A 376 -8.25 0.73 -13.94
N GLN A 377 -8.59 -0.54 -13.81
CA GLN A 377 -8.44 -1.23 -12.54
C GLN A 377 -7.12 -1.94 -12.70
N LEU A 378 -6.59 -2.46 -11.61
CA LEU A 378 -5.37 -3.24 -11.72
C LEU A 378 -5.54 -4.62 -11.09
N VAL A 379 -4.96 -5.64 -11.71
CA VAL A 379 -5.17 -6.99 -11.21
C VAL A 379 -3.84 -7.72 -11.08
N THR A 380 -3.57 -8.24 -9.89
CA THR A 380 -2.22 -8.66 -9.54
C THR A 380 -2.18 -10.08 -9.06
N CYS A 381 -1.18 -10.86 -9.49
CA CYS A 381 -0.93 -12.16 -8.86
C CYS A 381 -0.09 -11.91 -7.62
N SER A 382 -0.42 -12.51 -6.47
CA SER A 382 0.16 -12.11 -5.21
C SER A 382 0.24 -13.23 -4.25
N GLY A 383 1.13 -13.06 -3.27
CA GLY A 383 1.40 -14.10 -2.31
C GLY A 383 2.11 -15.26 -2.96
N ALA A 384 2.24 -16.32 -2.18
CA ALA A 384 2.89 -17.54 -2.61
C ALA A 384 2.22 -18.61 -1.80
N PHE A 385 2.24 -19.84 -2.31
CA PHE A 385 1.70 -20.94 -1.52
C PHE A 385 0.28 -20.58 -0.98
N LYS A 386 -0.12 -21.01 0.22
CA LYS A 386 -1.50 -20.74 0.65
C LYS A 386 -1.85 -19.23 0.62
N GLU A 387 -0.79 -18.38 0.98
CA GLU A 387 -1.14 -16.94 0.94
C GLU A 387 -1.47 -16.46 -0.43
N GLY A 388 -1.16 -17.30 -1.40
CA GLY A 388 -1.30 -16.83 -2.83
C GLY A 388 -2.71 -16.32 -3.13
N SER A 389 -2.84 -15.54 -4.24
CA SER A 389 -4.08 -14.86 -4.45
C SER A 389 -4.11 -13.81 -5.57
N LEU A 390 -5.27 -13.24 -5.90
CA LEU A 390 -5.31 -12.12 -6.79
C LEU A 390 -5.95 -10.95 -6.13
N ARG A 391 -5.48 -9.74 -6.48
CA ARG A 391 -5.97 -8.53 -5.86
C ARG A 391 -6.36 -7.56 -6.94
N ILE A 392 -7.56 -6.99 -6.79
CA ILE A 392 -8.03 -6.03 -7.78
C ILE A 392 -7.91 -4.63 -7.19
N ILE A 393 -7.35 -3.68 -7.93
CA ILE A 393 -7.06 -2.37 -7.37
C ILE A 393 -7.60 -1.23 -8.20
N ARG A 394 -8.39 -0.39 -7.54
CA ARG A 394 -9.19 0.62 -8.21
C ARG A 394 -9.00 1.95 -7.48
N ASN A 395 -8.70 2.99 -8.26
CA ASN A 395 -8.59 4.32 -7.72
C ASN A 395 -9.95 4.89 -7.36
N GLY A 396 -10.00 5.60 -6.24
CA GLY A 396 -11.15 6.40 -5.89
C GLY A 396 -12.25 5.70 -5.15
N ILE A 397 -13.33 6.43 -4.97
CA ILE A 397 -14.46 5.93 -4.26
C ILE A 397 -15.62 5.99 -5.25
N GLY A 398 -16.25 4.84 -5.50
CA GLY A 398 -17.33 4.74 -6.48
C GLY A 398 -18.68 4.58 -5.82
N ILE A 399 -19.75 4.77 -6.60
CA ILE A 399 -21.13 4.67 -6.11
C ILE A 399 -22.05 3.97 -7.14
N HIS A 400 -23.09 3.28 -6.65
CA HIS A 400 -24.01 2.51 -7.55
C HIS A 400 -25.39 3.15 -7.77
N GLU A 401 -25.65 3.54 -9.02
CA GLU A 401 -26.84 4.36 -9.39
C GLU A 401 -28.17 3.62 -9.65
N HIS A 402 -29.21 4.02 -8.92
CA HIS A 402 -30.49 3.34 -8.98
C HIS A 402 -31.50 4.05 -9.89
N ALA A 403 -31.95 5.24 -9.50
CA ALA A 403 -32.80 6.06 -10.38
C ALA A 403 -31.96 7.04 -11.22
N SER A 404 -32.60 7.69 -12.19
CA SER A 404 -31.90 8.63 -13.04
C SER A 404 -32.89 9.63 -13.68
N ILE A 405 -33.17 10.71 -12.97
CA ILE A 405 -34.10 11.72 -13.45
C ILE A 405 -33.34 12.99 -13.87
N ASP A 406 -33.26 13.20 -15.18
CA ASP A 406 -32.53 14.33 -15.76
C ASP A 406 -33.25 15.66 -15.59
N LEU A 407 -32.78 16.47 -14.64
CA LEU A 407 -33.40 17.77 -14.34
C LEU A 407 -32.40 18.92 -14.50
N PRO A 408 -32.34 19.52 -15.71
CA PRO A 408 -31.45 20.62 -16.05
C PRO A 408 -31.69 21.88 -15.22
N GLY A 409 -31.32 21.82 -13.94
CA GLY A 409 -31.49 22.96 -13.06
C GLY A 409 -31.11 22.75 -11.61
N ILE A 410 -31.64 21.69 -11.00
CA ILE A 410 -31.55 21.46 -9.55
C ILE A 410 -30.48 22.29 -8.85
N LYS A 411 -30.93 23.26 -8.05
CA LYS A 411 -30.04 24.19 -7.36
C LYS A 411 -29.98 23.93 -5.87
N GLY A 412 -30.42 22.76 -5.47
CA GLY A 412 -30.29 22.36 -4.09
C GLY A 412 -31.08 21.10 -3.85
N LEU A 413 -30.86 20.49 -2.68
CA LEU A 413 -31.78 19.46 -2.16
C LEU A 413 -31.50 18.97 -0.75
N TRP A 414 -32.59 18.77 0.00
CA TRP A 414 -32.57 18.29 1.38
C TRP A 414 -33.57 17.15 1.49
N PRO A 415 -33.36 16.24 2.47
CA PRO A 415 -34.17 15.03 2.75
C PRO A 415 -35.65 15.35 2.92
N LEU A 416 -36.44 14.36 3.34
CA LEU A 416 -37.81 14.59 3.82
C LEU A 416 -38.67 13.34 4.01
N ARG A 417 -38.97 13.06 5.27
CA ARG A 417 -39.93 12.05 5.67
C ARG A 417 -41.30 12.69 5.79
N SER A 418 -42.35 11.92 5.54
CA SER A 418 -43.72 12.41 5.72
C SER A 418 -44.43 11.65 6.85
N ASP A 419 -43.65 10.96 7.68
CA ASP A 419 -44.15 10.24 8.83
C ASP A 419 -43.16 10.36 9.99
N PRO A 420 -43.58 11.01 11.10
CA PRO A 420 -42.79 11.22 12.32
C PRO A 420 -42.15 9.96 12.93
N ASN A 421 -42.63 8.78 12.53
CA ASN A 421 -42.09 7.50 13.03
C ASN A 421 -40.80 7.11 12.33
N ARG A 422 -40.95 6.56 11.13
CA ARG A 422 -39.87 5.91 10.36
C ARG A 422 -38.63 6.77 10.17
N GLU A 423 -37.46 6.14 10.29
CA GLU A 423 -36.17 6.79 10.02
C GLU A 423 -36.03 7.07 8.53
N THR A 424 -37.05 6.65 7.78
CA THR A 424 -37.06 6.76 6.33
C THR A 424 -37.83 8.00 5.85
N TYR A 425 -37.48 8.44 4.64
CA TYR A 425 -38.01 9.66 4.04
C TYR A 425 -38.76 9.29 2.75
N ASP A 426 -39.59 10.19 2.23
CA ASP A 426 -40.38 9.86 1.03
C ASP A 426 -40.56 11.01 0.04
N THR A 427 -40.06 12.19 0.41
CA THR A 427 -40.06 13.32 -0.50
C THR A 427 -38.67 13.85 -0.66
N LEU A 428 -38.37 14.45 -1.81
CA LEU A 428 -37.16 15.24 -1.92
C LEU A 428 -37.46 16.62 -2.48
N VAL A 429 -37.44 17.60 -1.61
CA VAL A 429 -37.66 18.98 -2.02
C VAL A 429 -36.32 19.54 -2.49
N LEU A 430 -36.40 20.32 -3.56
CA LEU A 430 -35.22 20.72 -4.31
C LEU A 430 -35.28 22.16 -4.81
N SER A 431 -34.39 23.01 -4.32
CA SER A 431 -34.24 24.33 -4.90
C SER A 431 -34.05 24.19 -6.41
N PHE A 432 -34.55 25.17 -7.17
CA PHE A 432 -34.54 25.04 -8.61
C PHE A 432 -34.34 26.40 -9.30
N VAL A 433 -34.33 26.38 -10.63
CA VAL A 433 -34.12 27.58 -11.47
C VAL A 433 -35.13 28.70 -11.17
N GLY A 434 -35.08 29.23 -9.95
CA GLY A 434 -36.05 30.22 -9.49
C GLY A 434 -37.45 29.65 -9.24
N GLN A 435 -37.51 28.37 -8.89
CA GLN A 435 -38.76 27.69 -8.57
C GLN A 435 -38.54 26.77 -7.38
N THR A 436 -39.52 25.91 -7.14
CA THR A 436 -39.36 24.77 -6.26
C THR A 436 -40.36 23.70 -6.64
N ARG A 437 -39.84 22.50 -6.87
CA ARG A 437 -40.68 21.33 -7.05
C ARG A 437 -40.55 20.43 -5.83
N VAL A 438 -41.41 19.43 -5.76
CA VAL A 438 -41.43 18.50 -4.65
C VAL A 438 -41.41 17.11 -5.28
N LEU A 439 -41.05 16.09 -4.49
CA LEU A 439 -41.03 14.72 -5.01
C LEU A 439 -41.49 13.67 -4.02
N MET A 440 -42.80 13.44 -3.96
CA MET A 440 -43.38 12.36 -3.17
C MET A 440 -42.98 11.03 -3.79
N LEU A 441 -42.85 9.99 -2.97
CA LEU A 441 -42.47 8.67 -3.47
C LEU A 441 -43.37 7.57 -2.98
N ASN A 442 -43.76 6.69 -3.91
CA ASN A 442 -44.45 5.45 -3.57
C ASN A 442 -43.44 4.53 -2.86
N GLY A 443 -42.30 5.09 -2.50
CA GLY A 443 -41.21 4.38 -1.83
C GLY A 443 -39.95 4.44 -2.68
N GLU A 444 -39.96 3.67 -3.77
CA GLU A 444 -38.88 3.64 -4.76
C GLU A 444 -39.26 4.35 -6.05
N GLU A 445 -40.52 4.80 -6.14
CA GLU A 445 -41.02 5.36 -7.38
C GLU A 445 -41.10 6.89 -7.38
N VAL A 446 -40.79 7.47 -8.54
CA VAL A 446 -40.74 8.92 -8.77
C VAL A 446 -42.12 9.54 -9.02
N GLU A 447 -42.40 10.63 -8.31
CA GLU A 447 -43.68 11.34 -8.42
C GLU A 447 -43.55 12.76 -7.87
N GLU A 448 -44.06 13.74 -8.62
CA GLU A 448 -44.04 15.14 -8.16
C GLU A 448 -45.44 15.74 -7.92
N THR A 449 -45.68 16.21 -6.69
CA THR A 449 -46.94 16.87 -6.34
C THR A 449 -46.74 18.23 -5.65
N GLU A 450 -47.24 18.34 -4.41
CA GLU A 450 -47.38 19.59 -3.67
C GLU A 450 -47.47 19.33 -2.16
N LEU A 451 -47.03 20.30 -1.36
CA LEU A 451 -47.23 20.26 0.08
C LEU A 451 -47.58 21.65 0.59
N MET A 452 -48.55 21.71 1.50
CA MET A 452 -49.10 22.97 2.01
C MET A 452 -48.01 23.81 2.64
N GLY A 453 -48.10 25.14 2.46
CA GLY A 453 -47.14 26.08 3.03
C GLY A 453 -45.72 25.96 2.51
N PHE A 454 -45.58 25.39 1.31
CA PHE A 454 -44.29 25.24 0.66
C PHE A 454 -44.38 25.77 -0.76
N VAL A 455 -43.93 27.01 -0.97
CA VAL A 455 -44.09 27.68 -2.29
C VAL A 455 -43.53 26.88 -3.48
N ASP A 456 -44.13 27.13 -4.64
CA ASP A 456 -43.84 26.41 -5.88
C ASP A 456 -43.13 27.31 -6.89
N ASP A 457 -43.55 28.57 -6.91
CA ASP A 457 -42.96 29.58 -7.78
C ASP A 457 -41.85 30.33 -7.05
N GLN A 458 -41.76 30.12 -5.74
CA GLN A 458 -40.70 30.71 -4.94
C GLN A 458 -39.58 29.72 -4.69
N GLN A 459 -38.36 30.17 -4.93
CA GLN A 459 -37.19 29.30 -4.90
C GLN A 459 -36.72 28.96 -3.48
N THR A 460 -36.92 27.71 -3.09
CA THR A 460 -36.56 27.20 -1.76
C THR A 460 -35.03 27.22 -1.52
N PHE A 461 -34.62 27.70 -0.35
CA PHE A 461 -33.21 27.78 0.03
C PHE A 461 -32.81 26.78 1.09
N PHE A 462 -33.77 25.99 1.56
CA PHE A 462 -33.57 25.08 2.69
C PHE A 462 -34.84 24.28 3.02
N CYS A 463 -34.68 23.17 3.74
CA CYS A 463 -35.74 22.17 3.98
C CYS A 463 -35.54 21.23 5.18
N GLY A 464 -34.47 21.43 5.94
CA GLY A 464 -34.08 20.55 7.08
C GLY A 464 -35.22 20.09 7.99
N ASN A 465 -34.93 19.07 8.80
CA ASN A 465 -35.97 18.41 9.63
C ASN A 465 -36.14 18.98 11.06
N VAL A 466 -36.87 20.09 11.19
CA VAL A 466 -37.12 20.75 12.50
C VAL A 466 -38.07 19.96 13.43
N ALA A 467 -37.61 19.73 14.66
CA ALA A 467 -38.39 19.01 15.67
C ALA A 467 -39.70 19.75 16.00
N HIS A 468 -40.50 19.17 16.90
CA HIS A 468 -41.80 19.72 17.34
C HIS A 468 -42.92 19.53 16.30
N GLN A 469 -42.82 18.43 15.55
CA GLN A 469 -43.83 17.99 14.59
C GLN A 469 -44.15 19.02 13.49
N GLN A 470 -43.14 19.69 12.96
CA GLN A 470 -43.37 20.65 11.88
C GLN A 470 -42.36 20.63 10.72
N LEU A 471 -42.79 21.09 9.55
CA LEU A 471 -41.95 21.15 8.33
C LEU A 471 -41.60 22.59 7.94
N ILE A 472 -40.34 22.82 7.58
CA ILE A 472 -39.82 24.18 7.32
C ILE A 472 -39.38 24.37 5.87
N GLN A 473 -39.74 25.53 5.30
CA GLN A 473 -39.29 25.94 3.97
C GLN A 473 -38.80 27.38 4.02
N ILE A 474 -37.49 27.59 3.93
CA ILE A 474 -36.97 28.93 3.73
C ILE A 474 -36.93 29.17 2.23
N THR A 475 -37.60 30.24 1.84
CA THR A 475 -37.63 30.67 0.46
C THR A 475 -36.91 32.05 0.39
N SER A 476 -36.89 32.68 -0.79
CA SER A 476 -36.29 34.00 -0.95
C SER A 476 -36.99 34.93 0.00
N ALA A 477 -38.32 34.93 -0.11
CA ALA A 477 -39.18 35.85 0.61
C ALA A 477 -39.31 35.54 2.09
N SER A 478 -40.02 34.45 2.41
CA SER A 478 -40.33 34.10 3.79
C SER A 478 -39.65 32.82 4.25
N VAL A 479 -39.44 32.71 5.56
CA VAL A 479 -39.07 31.44 6.16
C VAL A 479 -40.36 30.82 6.71
N ARG A 480 -41.03 30.02 5.87
CA ARG A 480 -42.39 29.47 6.12
C ARG A 480 -42.42 28.38 7.20
N LEU A 481 -43.63 27.96 7.59
CA LEU A 481 -43.82 26.87 8.57
C LEU A 481 -45.08 26.05 8.29
N VAL A 482 -44.94 24.73 8.42
CA VAL A 482 -46.00 23.76 8.14
C VAL A 482 -45.95 22.68 9.23
N SER A 483 -47.01 21.88 9.36
CA SER A 483 -47.05 20.86 10.40
C SER A 483 -47.24 19.43 9.90
N GLN A 484 -47.13 18.49 10.83
CA GLN A 484 -47.57 17.11 10.62
C GLN A 484 -49.00 17.04 11.10
N GLU A 485 -49.26 17.69 12.25
CA GLU A 485 -50.61 17.81 12.82
C GLU A 485 -51.47 18.75 11.95
N PRO A 486 -51.39 20.09 12.16
CA PRO A 486 -52.11 21.07 11.32
C PRO A 486 -51.82 20.99 9.81
N LYS A 487 -50.54 21.02 9.43
CA LYS A 487 -50.14 20.84 8.03
C LYS A 487 -50.68 21.96 7.11
N ALA A 488 -50.41 23.22 7.50
CA ALA A 488 -50.87 24.37 6.74
C ALA A 488 -49.96 25.57 6.98
N LEU A 489 -50.55 26.75 7.15
CA LEU A 489 -49.80 27.99 7.45
C LEU A 489 -49.62 28.14 8.96
N VAL A 490 -48.98 27.14 9.56
CA VAL A 490 -48.75 27.05 11.00
C VAL A 490 -48.06 28.29 11.54
N SER A 491 -47.08 28.77 10.78
CA SER A 491 -46.45 30.07 11.00
C SER A 491 -45.78 30.49 9.70
N GLU A 492 -45.05 31.60 9.77
CA GLU A 492 -44.38 32.19 8.60
C GLU A 492 -43.70 33.47 9.04
N TRP A 493 -42.38 33.54 8.85
CA TRP A 493 -41.64 34.75 9.20
C TRP A 493 -41.33 35.55 7.93
N LYS A 494 -41.71 36.82 7.96
CA LYS A 494 -41.48 37.74 6.86
C LYS A 494 -40.61 38.89 7.36
N GLU A 495 -39.63 39.30 6.56
CA GLU A 495 -38.67 40.34 6.94
C GLU A 495 -39.32 41.72 7.03
N PRO A 496 -39.18 42.39 8.19
CA PRO A 496 -39.81 43.67 8.44
C PRO A 496 -39.19 44.74 7.56
N GLN A 497 -39.65 44.81 6.31
CA GLN A 497 -39.16 45.76 5.31
C GLN A 497 -39.42 45.31 3.87
N ALA A 498 -39.80 44.03 3.71
CA ALA A 498 -39.96 43.37 2.40
C ALA A 498 -38.63 43.17 1.69
N LYS A 499 -37.69 42.53 2.39
CA LYS A 499 -36.33 42.31 1.88
C LYS A 499 -35.97 40.83 1.88
N ASN A 500 -35.34 40.38 0.79
CA ASN A 500 -35.07 38.96 0.61
C ASN A 500 -34.01 38.37 1.51
N ILE A 501 -34.22 37.10 1.85
CA ILE A 501 -33.24 36.31 2.55
C ILE A 501 -32.16 35.97 1.55
N SER A 502 -30.90 36.12 1.96
CA SER A 502 -29.74 35.83 1.15
C SER A 502 -29.17 34.46 1.41
N VAL A 503 -28.78 34.23 2.66
CA VAL A 503 -28.22 32.97 3.18
C VAL A 503 -29.27 32.49 4.15
N ALA A 504 -29.41 31.17 4.17
CA ALA A 504 -30.30 30.41 5.00
C ALA A 504 -29.43 29.60 5.96
N SER A 505 -30.06 28.91 6.87
CA SER A 505 -29.36 28.10 7.84
C SER A 505 -30.46 27.77 8.82
N CYS A 506 -30.98 26.55 8.70
CA CYS A 506 -32.01 26.00 9.56
C CYS A 506 -31.30 24.83 10.22
N ASN A 507 -31.63 24.62 11.48
CA ASN A 507 -31.09 23.57 12.32
C ASN A 507 -32.37 22.79 12.73
N SER A 508 -32.25 21.58 13.26
CA SER A 508 -33.47 20.87 13.64
C SER A 508 -34.09 21.47 14.90
N SER A 509 -33.73 22.71 15.20
CA SER A 509 -34.25 23.40 16.37
C SER A 509 -34.10 24.92 16.24
N GLN A 510 -32.92 25.34 15.80
CA GLN A 510 -32.64 26.78 15.62
C GLN A 510 -32.80 27.23 14.16
N VAL A 511 -32.78 28.55 13.94
CA VAL A 511 -32.79 29.18 12.61
C VAL A 511 -31.91 30.45 12.59
N VAL A 512 -30.94 30.49 11.67
CA VAL A 512 -30.17 31.70 11.37
C VAL A 512 -30.20 32.05 9.88
N VAL A 513 -30.89 33.14 9.54
CA VAL A 513 -30.83 33.66 8.17
C VAL A 513 -29.82 34.82 8.05
N ALA A 514 -29.71 35.37 6.86
CA ALA A 514 -28.93 36.57 6.63
C ALA A 514 -29.58 37.29 5.48
N VAL A 515 -29.61 38.62 5.57
CA VAL A 515 -30.23 39.48 4.56
C VAL A 515 -29.17 40.26 3.76
N GLY A 516 -27.89 40.04 4.11
CA GLY A 516 -26.78 40.76 3.50
C GLY A 516 -25.71 40.90 4.56
N ARG A 517 -25.78 42.00 5.30
CA ARG A 517 -24.83 42.25 6.37
C ARG A 517 -25.72 42.15 7.57
N ALA A 518 -27.01 42.07 7.25
CA ALA A 518 -28.06 41.86 8.25
C ALA A 518 -28.12 40.41 8.69
N LEU A 519 -28.23 40.23 10.01
CA LEU A 519 -28.35 38.91 10.57
C LEU A 519 -29.46 38.88 11.59
N TYR A 520 -30.52 38.15 11.26
CA TYR A 520 -31.63 37.92 12.18
C TYR A 520 -31.36 36.62 13.00
N TYR A 521 -32.45 35.93 13.37
CA TYR A 521 -32.45 34.71 14.20
C TYR A 521 -33.88 34.44 14.66
N LEU A 522 -34.41 33.25 14.37
CA LEU A 522 -35.75 32.85 14.81
C LEU A 522 -35.77 31.46 15.47
N GLN A 523 -36.90 31.08 16.08
CA GLN A 523 -37.03 29.80 16.78
C GLN A 523 -38.33 29.07 16.43
N ILE A 524 -38.23 27.74 16.26
CA ILE A 524 -39.37 26.91 15.87
C ILE A 524 -40.17 26.41 17.10
N HIS A 525 -40.45 27.31 18.05
CA HIS A 525 -41.16 26.93 19.27
C HIS A 525 -42.61 26.56 18.99
N PRO A 526 -43.15 25.59 19.78
CA PRO A 526 -44.40 24.92 19.43
C PRO A 526 -45.31 25.69 18.47
N GLN A 527 -45.17 25.38 17.18
CA GLN A 527 -46.10 25.82 16.12
C GLN A 527 -46.03 27.31 15.77
N GLU A 528 -44.85 27.92 15.93
CA GLU A 528 -44.67 29.34 15.63
C GLU A 528 -43.20 29.76 15.54
N LEU A 529 -42.96 30.88 14.85
CA LEU A 529 -41.61 31.41 14.65
C LEU A 529 -41.28 32.69 15.45
N ARG A 530 -40.74 32.53 16.66
CA ARG A 530 -40.37 33.66 17.52
C ARG A 530 -38.96 34.16 17.18
N GLN A 531 -38.75 35.47 17.30
CA GLN A 531 -37.50 36.11 16.86
C GLN A 531 -36.59 36.50 18.04
N ILE A 532 -35.29 36.59 17.80
CA ILE A 532 -34.33 36.98 18.86
C ILE A 532 -33.45 38.21 18.57
N SER A 533 -32.31 38.02 17.92
CA SER A 533 -31.31 39.09 17.85
C SER A 533 -31.27 39.80 16.48
N HIS A 534 -30.58 40.95 16.42
CA HIS A 534 -30.20 41.57 15.14
C HIS A 534 -28.78 42.14 15.18
N THR A 535 -28.00 41.85 14.14
CA THR A 535 -26.63 42.33 14.02
C THR A 535 -26.22 42.41 12.56
N GLU A 536 -25.50 43.48 12.25
CA GLU A 536 -25.03 43.78 10.92
C GLU A 536 -23.51 43.60 10.91
N MET A 537 -22.92 43.35 9.74
CA MET A 537 -21.47 43.16 9.67
C MET A 537 -20.85 44.12 8.68
N GLU A 538 -19.55 44.36 8.86
CA GLU A 538 -18.72 45.12 7.95
C GLU A 538 -19.28 45.09 6.51
N HIS A 539 -19.32 43.88 5.94
CA HIS A 539 -19.66 43.61 4.53
C HIS A 539 -20.78 42.57 4.41
N GLU A 540 -20.99 42.07 3.18
CA GLU A 540 -22.06 41.12 2.88
C GLU A 540 -21.78 39.70 3.36
N VAL A 541 -22.78 39.13 4.02
CA VAL A 541 -22.71 37.74 4.47
C VAL A 541 -22.63 36.78 3.27
N ALA A 542 -21.48 36.12 3.12
CA ALA A 542 -21.27 35.16 2.03
C ALA A 542 -21.90 33.78 2.20
N CYS A 543 -21.85 33.22 3.42
CA CYS A 543 -22.29 31.84 3.69
C CYS A 543 -22.36 31.56 5.19
N LEU A 544 -23.24 30.65 5.59
CA LEU A 544 -23.40 30.33 7.01
C LEU A 544 -23.69 28.87 7.28
N ASP A 545 -23.28 28.40 8.46
CA ASP A 545 -23.60 27.05 8.92
C ASP A 545 -23.80 26.98 10.44
N ILE A 546 -24.84 26.27 10.85
CA ILE A 546 -25.05 25.96 12.27
C ILE A 546 -25.57 24.56 12.53
N THR A 547 -24.85 23.84 13.38
CA THR A 547 -25.21 22.51 13.77
C THR A 547 -24.71 22.33 15.20
N PRO A 548 -25.64 22.12 16.16
CA PRO A 548 -25.29 21.91 17.57
C PRO A 548 -24.34 20.72 17.66
N LEU A 549 -23.09 20.97 18.05
CA LEU A 549 -22.01 20.01 17.83
C LEU A 549 -22.06 18.71 18.67
N GLY A 550 -21.47 18.74 19.87
CA GLY A 550 -21.36 17.52 20.68
C GLY A 550 -22.24 17.51 21.91
N ASP A 551 -21.90 18.36 22.86
CA ASP A 551 -22.65 18.52 24.10
C ASP A 551 -23.74 19.57 23.94
N SER A 552 -24.53 19.44 22.87
CA SER A 552 -25.59 20.40 22.57
C SER A 552 -26.82 19.74 21.94
N ASN A 553 -27.82 19.48 22.77
CA ASN A 553 -29.11 19.00 22.30
C ASN A 553 -29.85 20.11 21.58
N GLY A 554 -29.83 20.07 20.25
CA GLY A 554 -30.57 21.02 19.42
C GLY A 554 -30.08 22.46 19.40
N LEU A 555 -29.97 23.04 20.59
CA LEU A 555 -29.47 24.41 20.76
C LEU A 555 -27.97 24.43 20.52
N SER A 556 -27.49 25.40 19.72
CA SER A 556 -26.11 25.43 19.23
C SER A 556 -25.25 26.56 19.84
N PRO A 557 -24.05 26.19 20.36
CA PRO A 557 -22.98 27.12 20.82
C PRO A 557 -22.54 28.17 19.76
N LEU A 558 -21.23 28.40 19.63
CA LEU A 558 -20.71 29.51 18.78
C LEU A 558 -20.85 29.30 17.27
N CYS A 559 -20.21 30.16 16.47
CA CYS A 559 -20.36 30.10 15.00
C CYS A 559 -19.34 30.84 14.11
N ALA A 560 -19.58 30.74 12.80
CA ALA A 560 -18.69 31.21 11.75
C ALA A 560 -19.45 31.57 10.46
N ILE A 561 -18.82 32.42 9.67
CA ILE A 561 -19.50 33.21 8.67
C ILE A 561 -18.47 33.72 7.67
N GLY A 562 -18.76 33.51 6.39
CA GLY A 562 -17.92 34.10 5.32
C GLY A 562 -18.50 35.43 4.88
N LEU A 563 -17.65 36.43 4.64
CA LEU A 563 -18.12 37.75 4.21
C LEU A 563 -17.73 38.02 2.76
N TRP A 564 -18.05 39.21 2.23
CA TRP A 564 -17.69 39.52 0.83
C TRP A 564 -16.50 40.31 0.19
N THR A 565 -16.42 41.60 0.50
CA THR A 565 -15.43 42.48 -0.13
C THR A 565 -14.04 42.25 0.42
N ASP A 566 -13.98 42.07 1.73
CA ASP A 566 -12.68 41.85 2.37
C ASP A 566 -12.21 40.42 2.19
N ILE A 567 -13.12 39.51 1.86
CA ILE A 567 -12.79 38.11 1.60
C ILE A 567 -12.22 37.48 2.87
N SER A 568 -13.11 36.89 3.67
CA SER A 568 -12.77 36.55 5.04
C SER A 568 -13.73 35.57 5.71
N ALA A 569 -13.26 34.96 6.80
CA ALA A 569 -14.08 34.07 7.63
C ALA A 569 -13.73 34.29 9.10
N ARG A 570 -14.73 34.18 9.96
CA ARG A 570 -14.64 34.74 11.30
C ARG A 570 -15.48 34.02 12.36
N ILE A 571 -14.99 34.04 13.61
CA ILE A 571 -15.52 33.24 14.71
C ILE A 571 -16.44 34.05 15.62
N LEU A 572 -17.68 33.59 15.80
CA LEU A 572 -18.70 34.35 16.52
C LEU A 572 -19.61 33.49 17.40
N LYS A 573 -20.14 34.07 18.48
CA LYS A 573 -21.06 33.34 19.39
C LYS A 573 -22.53 33.37 18.89
N LEU A 574 -23.54 33.31 19.78
CA LEU A 574 -24.95 33.13 19.34
C LEU A 574 -25.92 34.35 19.36
N PRO A 575 -26.75 34.53 20.43
CA PRO A 575 -27.69 35.65 20.28
C PRO A 575 -27.03 37.02 20.44
N SER A 576 -25.80 37.02 20.94
CA SER A 576 -25.01 38.25 21.12
C SER A 576 -24.34 38.72 19.82
N PHE A 577 -23.73 37.77 19.09
CA PHE A 577 -23.03 38.01 17.80
C PHE A 577 -21.63 38.63 17.97
N GLU A 578 -20.87 38.12 18.93
CA GLU A 578 -19.57 38.68 19.29
C GLU A 578 -18.42 38.03 18.51
N LEU A 579 -17.64 38.83 17.79
CA LEU A 579 -16.47 38.36 17.03
C LEU A 579 -15.27 37.99 17.89
N LEU A 580 -14.78 36.76 17.71
CA LEU A 580 -13.62 36.25 18.42
C LEU A 580 -12.33 36.45 17.60
N HIS A 581 -11.99 35.42 16.83
CA HIS A 581 -10.84 35.41 15.92
C HIS A 581 -11.34 35.44 14.46
N LYS A 582 -10.41 35.63 13.52
CA LYS A 582 -10.75 35.65 12.09
C LYS A 582 -9.51 35.48 11.19
N GLU A 583 -9.71 34.94 9.99
CA GLU A 583 -8.63 34.82 9.02
C GLU A 583 -8.91 35.66 7.77
N MET A 584 -7.92 36.46 7.38
CA MET A 584 -8.05 37.34 6.23
C MET A 584 -7.46 36.66 5.01
N LEU A 585 -8.15 35.64 4.49
CA LEU A 585 -7.69 34.92 3.26
C LEU A 585 -7.60 35.85 2.05
N GLY A 586 -6.81 35.45 1.06
CA GLY A 586 -6.53 36.29 -0.09
C GLY A 586 -7.55 36.17 -1.21
N GLY A 587 -7.22 36.75 -2.36
CA GLY A 587 -8.06 36.67 -3.56
C GLY A 587 -9.15 37.73 -3.68
N GLU A 588 -9.76 37.79 -4.86
CA GLU A 588 -10.93 38.64 -5.10
C GLU A 588 -12.19 37.78 -5.32
N ILE A 589 -12.09 36.50 -4.95
CA ILE A 589 -13.20 35.52 -5.01
C ILE A 589 -13.64 35.09 -3.59
N ILE A 590 -14.94 34.99 -3.36
CA ILE A 590 -15.44 34.74 -2.01
C ILE A 590 -15.66 33.29 -1.63
N PRO A 591 -15.72 33.02 -0.33
CA PRO A 591 -16.04 31.73 0.22
C PRO A 591 -17.48 31.34 -0.10
N ARG A 592 -17.63 30.31 -0.91
CA ARG A 592 -18.93 29.77 -1.27
C ARG A 592 -19.50 28.94 -0.12
N SER A 593 -18.60 28.39 0.71
CA SER A 593 -19.04 27.37 1.68
C SER A 593 -18.20 27.30 2.96
N ILE A 594 -18.91 27.30 4.09
CA ILE A 594 -18.29 27.23 5.42
C ILE A 594 -18.99 26.13 6.23
N LEU A 595 -18.23 25.25 6.86
CA LEU A 595 -18.87 24.14 7.59
C LEU A 595 -18.26 23.81 8.94
N MET A 596 -19.13 23.49 9.90
CA MET A 596 -18.74 22.98 11.22
C MET A 596 -19.21 21.55 11.42
N THR A 597 -18.41 20.77 12.16
CA THR A 597 -18.55 19.31 12.23
C THR A 597 -17.95 18.65 13.47
N THR A 598 -17.93 17.31 13.45
CA THR A 598 -17.30 16.44 14.45
C THR A 598 -17.03 15.10 13.75
N PHE A 599 -16.22 14.24 14.38
CA PHE A 599 -15.97 12.91 13.84
C PHE A 599 -15.95 11.85 14.93
N GLU A 600 -14.96 11.95 15.82
CA GLU A 600 -14.84 11.05 16.95
C GLU A 600 -14.30 11.88 18.11
N SER A 601 -13.18 12.55 17.85
CA SER A 601 -12.43 13.29 18.87
C SER A 601 -11.96 14.64 18.33
N SER A 602 -12.90 15.49 17.93
CA SER A 602 -12.58 16.86 17.47
C SER A 602 -13.78 17.59 16.89
N HIS A 603 -13.67 18.92 16.81
CA HIS A 603 -14.66 19.76 16.15
C HIS A 603 -13.96 20.51 15.00
N TYR A 604 -14.61 20.58 13.84
CA TYR A 604 -13.97 21.03 12.59
C TYR A 604 -14.65 22.20 11.85
N LEU A 605 -13.82 23.07 11.26
CA LEU A 605 -14.28 24.14 10.38
C LEU A 605 -13.62 24.09 9.00
N LEU A 606 -14.46 24.16 7.96
CA LEU A 606 -13.96 24.07 6.61
C LEU A 606 -14.53 25.21 5.79
N CYS A 607 -13.75 25.64 4.81
CA CYS A 607 -14.19 26.76 4.00
C CYS A 607 -13.81 26.70 2.53
N ALA A 608 -14.82 26.53 1.69
CA ALA A 608 -14.61 26.48 0.24
C ALA A 608 -14.60 27.86 -0.43
N LEU A 609 -13.80 28.00 -1.48
CA LEU A 609 -13.82 29.20 -2.33
C LEU A 609 -14.37 28.93 -3.71
N GLY A 610 -14.67 30.00 -4.45
CA GLY A 610 -15.28 29.90 -5.78
C GLY A 610 -14.37 29.35 -6.87
N ASP A 611 -13.07 29.33 -6.61
CA ASP A 611 -12.05 28.89 -7.57
C ASP A 611 -11.89 27.37 -7.61
N GLY A 612 -12.24 26.73 -6.51
CA GLY A 612 -12.13 25.28 -6.37
C GLY A 612 -11.32 24.84 -5.18
N ALA A 613 -10.54 25.77 -4.61
CA ALA A 613 -9.60 25.44 -3.55
C ALA A 613 -10.28 25.53 -2.20
N LEU A 614 -9.83 24.75 -1.23
CA LEU A 614 -10.40 24.81 0.11
C LEU A 614 -9.35 25.22 1.13
N PHE A 615 -9.83 25.64 2.29
CA PHE A 615 -9.05 25.76 3.53
C PHE A 615 -9.93 25.09 4.57
N TYR A 616 -9.35 24.26 5.42
CA TYR A 616 -10.05 23.60 6.52
C TYR A 616 -9.22 24.04 7.71
N PHE A 617 -9.85 24.22 8.86
CA PHE A 617 -9.12 24.59 10.05
C PHE A 617 -9.78 23.87 11.25
N GLY A 618 -9.14 23.87 12.43
CA GLY A 618 -9.68 23.16 13.58
C GLY A 618 -10.27 24.09 14.64
N LEU A 619 -11.52 23.82 15.00
CA LEU A 619 -12.30 24.65 15.91
C LEU A 619 -12.32 24.11 17.34
N ASN A 620 -12.84 24.92 18.25
CA ASN A 620 -12.93 24.60 19.67
C ASN A 620 -14.26 25.10 20.17
N ILE A 621 -15.21 24.18 20.39
CA ILE A 621 -16.54 24.52 20.92
C ILE A 621 -16.47 25.34 22.22
N GLU A 622 -15.25 25.55 22.69
CA GLU A 622 -14.95 26.31 23.90
C GLU A 622 -14.27 27.63 23.54
N THR A 623 -13.02 27.53 23.09
CA THR A 623 -12.15 28.70 22.94
C THR A 623 -12.39 29.44 21.63
N GLY A 624 -12.32 28.72 20.51
CA GLY A 624 -12.58 29.26 19.18
C GLY A 624 -11.48 30.15 18.62
N LEU A 625 -10.46 29.54 18.03
CA LEU A 625 -9.34 30.28 17.46
C LEU A 625 -8.87 29.65 16.16
N LEU A 626 -7.69 30.05 15.70
CA LEU A 626 -7.13 29.53 14.46
C LEU A 626 -6.80 28.05 14.58
N SER A 627 -6.32 27.46 13.49
CA SER A 627 -5.97 26.05 13.47
C SER A 627 -4.78 25.80 12.56
N ASP A 628 -5.06 25.36 11.33
CA ASP A 628 -4.01 25.08 10.36
C ASP A 628 -4.35 25.65 8.99
N ARG A 629 -3.47 26.49 8.46
CA ARG A 629 -3.68 27.10 7.15
C ARG A 629 -2.97 26.35 6.05
N LYS A 630 -3.74 25.66 5.23
CA LYS A 630 -3.19 24.89 4.13
C LYS A 630 -4.20 24.72 3.00
N LYS A 631 -4.34 25.76 2.18
CA LYS A 631 -5.28 25.73 1.07
C LYS A 631 -5.22 24.40 0.32
N VAL A 632 -6.32 24.04 -0.33
CA VAL A 632 -6.38 22.79 -1.08
C VAL A 632 -6.71 23.05 -2.55
N THR A 633 -6.70 22.00 -3.35
CA THR A 633 -7.00 22.10 -4.77
C THR A 633 -8.48 21.89 -5.05
N LEU A 634 -8.89 20.63 -5.13
CA LEU A 634 -10.28 20.30 -5.40
C LEU A 634 -10.69 20.70 -6.81
N GLY A 635 -11.98 20.93 -7.01
CA GLY A 635 -12.49 21.32 -8.31
C GLY A 635 -11.89 22.60 -8.83
N THR A 636 -12.29 22.97 -10.05
CA THR A 636 -12.04 24.30 -10.57
C THR A 636 -13.31 25.13 -10.37
N GLN A 637 -14.32 24.48 -9.78
CA GLN A 637 -15.62 25.07 -9.54
C GLN A 637 -15.92 25.18 -8.05
N PRO A 638 -16.82 26.10 -7.67
CA PRO A 638 -17.14 26.33 -6.27
C PRO A 638 -17.52 25.05 -5.57
N THR A 639 -16.84 24.75 -4.48
CA THR A 639 -17.09 23.54 -3.77
C THR A 639 -18.23 23.74 -2.77
N VAL A 640 -19.12 22.76 -2.70
CA VAL A 640 -20.24 22.77 -1.73
C VAL A 640 -20.08 21.58 -0.81
N LEU A 641 -20.11 21.86 0.50
CA LEU A 641 -19.83 20.87 1.52
C LEU A 641 -21.08 20.46 2.27
N ARG A 642 -21.35 19.15 2.29
CA ARG A 642 -22.47 18.60 3.05
C ARG A 642 -22.01 17.32 3.72
N THR A 643 -22.74 16.90 4.75
CA THR A 643 -22.41 15.68 5.47
C THR A 643 -23.39 14.54 5.18
N PHE A 644 -22.83 13.32 5.12
CA PHE A 644 -23.57 12.12 4.72
C PHE A 644 -23.62 11.06 5.82
N ARG A 645 -24.52 10.09 5.66
CA ARG A 645 -24.60 8.92 6.53
C ARG A 645 -23.71 7.79 6.00
N SER A 646 -22.82 7.30 6.86
CA SER A 646 -21.94 6.18 6.54
C SER A 646 -21.90 5.12 7.65
N LEU A 647 -20.69 4.72 8.04
CA LEU A 647 -20.47 3.69 9.06
C LEU A 647 -20.72 4.22 10.47
N SER A 648 -19.66 4.24 11.28
CA SER A 648 -19.69 4.72 12.66
C SER A 648 -19.13 6.13 12.79
N THR A 649 -18.27 6.51 11.84
CA THR A 649 -17.70 7.85 11.83
C THR A 649 -18.12 8.55 10.55
N THR A 650 -19.35 9.08 10.56
CA THR A 650 -19.96 9.72 9.39
C THR A 650 -19.15 10.92 8.90
N ASN A 651 -19.23 11.24 7.60
CA ASN A 651 -18.24 12.14 7.00
C ASN A 651 -18.76 13.30 6.15
N VAL A 652 -17.83 14.03 5.54
CA VAL A 652 -18.12 15.21 4.71
C VAL A 652 -17.76 15.02 3.22
N PHE A 653 -18.80 15.14 2.40
CA PHE A 653 -18.72 15.10 0.95
C PHE A 653 -18.49 16.50 0.37
N ALA A 654 -17.58 16.57 -0.60
CA ALA A 654 -17.23 17.82 -1.27
C ALA A 654 -17.72 17.83 -2.72
N CYS A 655 -18.62 18.75 -3.05
CA CYS A 655 -19.16 18.80 -4.40
C CYS A 655 -18.40 19.82 -5.21
N SER A 656 -17.75 19.35 -6.26
CA SER A 656 -17.03 20.20 -7.18
C SER A 656 -17.24 19.56 -8.51
N ASP A 657 -16.59 20.09 -9.55
CA ASP A 657 -16.44 19.31 -10.77
C ASP A 657 -15.72 18.00 -10.46
N ARG A 658 -14.66 18.10 -9.67
CA ARG A 658 -13.95 16.94 -9.14
C ARG A 658 -14.57 16.58 -7.76
N PRO A 659 -15.56 15.66 -7.77
CA PRO A 659 -16.24 15.35 -6.54
C PRO A 659 -15.29 14.59 -5.64
N THR A 660 -15.45 14.76 -4.33
CA THR A 660 -14.44 14.35 -3.37
C THR A 660 -15.04 14.06 -2.01
N VAL A 661 -14.51 13.05 -1.34
CA VAL A 661 -14.94 12.78 0.01
C VAL A 661 -13.87 13.29 0.91
N ILE A 662 -14.31 13.64 2.13
CA ILE A 662 -13.46 13.93 3.29
C ILE A 662 -13.80 12.97 4.43
N TYR A 663 -13.01 11.89 4.52
CA TYR A 663 -13.17 10.81 5.51
C TYR A 663 -12.36 11.11 6.79
N SER A 664 -11.53 10.16 7.21
CA SER A 664 -10.64 10.29 8.38
C SER A 664 -9.38 9.40 8.33
N SER A 665 -8.23 10.00 8.56
CA SER A 665 -6.94 9.30 8.56
C SER A 665 -6.65 8.72 9.97
N ASN A 666 -5.46 8.99 10.52
CA ASN A 666 -5.10 8.53 11.87
C ASN A 666 -6.01 9.14 12.94
N HIS A 667 -6.19 10.45 12.86
CA HIS A 667 -7.20 11.24 13.57
C HIS A 667 -7.40 12.45 12.66
N LYS A 668 -6.82 12.34 11.46
CA LYS A 668 -6.88 13.33 10.40
C LYS A 668 -8.16 13.21 9.55
N LEU A 669 -8.02 13.44 8.24
CA LEU A 669 -9.17 13.50 7.30
C LEU A 669 -8.72 13.07 5.92
N VAL A 670 -9.29 12.01 5.36
CA VAL A 670 -8.92 11.56 4.02
C VAL A 670 -9.43 12.55 2.98
N PHE A 671 -8.74 12.61 1.85
CA PHE A 671 -9.05 13.53 0.77
C PHE A 671 -9.09 12.82 -0.58
N SER A 672 -10.00 11.85 -0.70
CA SER A 672 -10.00 10.95 -1.85
C SER A 672 -10.99 11.35 -2.92
N ASN A 673 -10.61 11.09 -4.18
CA ASN A 673 -11.53 11.13 -5.31
C ASN A 673 -12.78 10.24 -5.17
N VAL A 674 -13.89 10.78 -5.69
CA VAL A 674 -15.12 10.02 -5.90
C VAL A 674 -15.31 9.84 -7.40
N ASN A 675 -15.63 8.62 -7.80
CA ASN A 675 -15.67 8.27 -9.21
C ASN A 675 -16.95 8.71 -9.95
N LEU A 676 -17.10 10.03 -10.08
CA LEU A 676 -18.22 10.65 -10.80
C LEU A 676 -17.79 11.83 -11.63
N LYS A 677 -18.62 12.13 -12.61
CA LYS A 677 -18.34 13.10 -13.65
C LYS A 677 -18.41 14.54 -13.09
N GLU A 678 -19.48 14.86 -12.35
CA GLU A 678 -19.61 16.13 -11.63
C GLU A 678 -20.77 16.04 -10.66
N VAL A 679 -20.63 16.64 -9.50
CA VAL A 679 -21.67 16.62 -8.51
C VAL A 679 -21.85 18.06 -8.06
N ASN A 680 -23.11 18.50 -7.94
CA ASN A 680 -23.45 19.86 -7.58
C ASN A 680 -23.83 20.02 -6.12
N TYR A 681 -24.84 19.25 -5.73
CA TYR A 681 -25.32 19.22 -4.36
C TYR A 681 -25.56 17.77 -4.10
N MET A 682 -25.64 17.41 -2.83
CA MET A 682 -25.69 16.04 -2.40
C MET A 682 -26.18 15.94 -0.96
N CYS A 683 -26.95 14.89 -0.63
CA CYS A 683 -27.42 14.62 0.75
C CYS A 683 -27.71 13.14 1.02
N PRO A 684 -27.64 12.72 2.31
CA PRO A 684 -27.96 11.35 2.75
C PRO A 684 -29.43 11.01 2.54
N LEU A 685 -29.77 9.72 2.69
CA LEU A 685 -31.13 9.22 2.41
C LEU A 685 -31.39 7.83 3.01
N ASN A 686 -32.66 7.39 3.04
CA ASN A 686 -33.05 6.14 3.72
C ASN A 686 -34.36 5.43 3.29
N SER A 687 -35.13 6.04 2.39
CA SER A 687 -36.49 5.55 2.04
C SER A 687 -36.65 4.03 1.87
N ASP A 688 -37.84 3.52 2.18
CA ASP A 688 -38.17 2.13 1.91
C ASP A 688 -38.33 1.96 0.39
N GLY A 689 -37.21 1.65 -0.25
CA GLY A 689 -37.08 1.64 -1.72
C GLY A 689 -35.75 2.20 -2.23
N TYR A 690 -35.09 2.99 -1.37
CA TYR A 690 -33.76 3.58 -1.58
C TYR A 690 -33.03 3.86 -0.24
N PRO A 691 -32.68 2.80 0.54
CA PRO A 691 -32.12 2.99 1.88
C PRO A 691 -30.59 3.19 1.90
N ASP A 692 -30.05 3.57 3.06
CA ASP A 692 -28.65 4.04 3.23
C ASP A 692 -28.03 4.69 1.97
N SER A 693 -28.89 5.35 1.21
CA SER A 693 -28.51 5.96 -0.04
C SER A 693 -28.02 7.38 0.18
N LEU A 694 -27.41 7.94 -0.86
CA LEU A 694 -27.03 9.34 -0.90
C LEU A 694 -27.63 9.92 -2.18
N ALA A 695 -28.02 11.18 -2.14
CA ALA A 695 -28.60 11.83 -3.30
C ALA A 695 -27.62 12.85 -3.81
N LEU A 696 -27.58 13.04 -5.12
CA LEU A 696 -26.53 13.81 -5.74
C LEU A 696 -26.96 14.26 -7.12
N ALA A 697 -26.96 15.56 -7.34
CA ALA A 697 -27.42 16.09 -8.63
C ALA A 697 -26.28 16.71 -9.42
N ASN A 698 -26.50 16.90 -10.71
CA ASN A 698 -25.57 17.61 -11.56
C ASN A 698 -26.31 18.52 -12.53
N ASN A 699 -25.57 19.07 -13.49
CA ASN A 699 -26.13 19.90 -14.58
C ASN A 699 -27.53 19.44 -15.00
N SER A 700 -27.74 18.12 -15.00
CA SER A 700 -29.06 17.50 -15.20
C SER A 700 -29.03 16.00 -14.88
N THR A 701 -29.68 15.62 -13.78
CA THR A 701 -29.82 14.22 -13.37
C THR A 701 -29.78 14.15 -11.85
N LEU A 702 -30.75 13.46 -11.26
CA LEU A 702 -30.66 13.10 -9.86
C LEU A 702 -30.28 11.62 -9.73
N THR A 703 -29.33 11.36 -8.83
CA THR A 703 -28.87 10.00 -8.57
C THR A 703 -28.80 9.67 -7.08
N ILE A 704 -28.76 8.38 -6.78
CA ILE A 704 -28.92 7.85 -5.43
C ILE A 704 -28.18 6.52 -5.30
N GLY A 705 -27.54 6.27 -4.15
CA GLY A 705 -26.84 5.00 -3.97
C GLY A 705 -25.84 4.99 -2.82
N THR A 706 -25.18 3.86 -2.59
CA THR A 706 -24.25 3.78 -1.46
C THR A 706 -22.80 4.04 -1.85
N ILE A 707 -21.89 3.89 -0.89
CA ILE A 707 -20.51 4.31 -1.04
C ILE A 707 -19.55 3.22 -0.61
N ASP A 708 -18.48 3.06 -1.38
CA ASP A 708 -17.43 2.05 -1.14
C ASP A 708 -16.54 2.37 0.06
N GLU A 709 -15.38 1.72 0.11
CA GLU A 709 -14.40 1.87 1.19
C GLU A 709 -14.04 3.33 1.49
N ILE A 710 -12.74 3.61 1.62
CA ILE A 710 -12.28 4.91 2.03
C ILE A 710 -11.12 5.28 1.11
N GLN A 711 -9.92 4.95 1.56
CA GLN A 711 -8.64 5.07 0.85
C GLN A 711 -8.67 5.51 -0.61
N LYS A 712 -7.65 6.25 -1.01
CA LYS A 712 -7.46 6.60 -2.43
C LYS A 712 -7.51 5.34 -3.30
N LEU A 713 -7.19 4.19 -2.69
CA LEU A 713 -7.31 2.88 -3.34
C LEU A 713 -8.28 1.95 -2.66
N HIS A 714 -9.19 1.39 -3.42
CA HIS A 714 -9.93 0.23 -2.98
C HIS A 714 -9.30 -1.06 -3.54
N ILE A 715 -9.27 -2.10 -2.70
CA ILE A 715 -8.61 -3.34 -3.04
C ILE A 715 -9.52 -4.53 -2.82
N ARG A 716 -9.80 -5.26 -3.90
CA ARG A 716 -10.62 -6.45 -3.89
C ARG A 716 -9.68 -7.64 -3.98
N THR A 717 -10.03 -8.75 -3.34
CA THR A 717 -9.15 -9.91 -3.36
C THR A 717 -9.82 -11.26 -3.57
N VAL A 718 -9.14 -12.11 -4.32
CA VAL A 718 -9.57 -13.46 -4.60
C VAL A 718 -8.53 -14.48 -4.12
N PRO A 719 -8.70 -14.97 -2.90
CA PRO A 719 -7.83 -16.02 -2.33
C PRO A 719 -7.55 -17.11 -3.33
N LEU A 720 -6.30 -17.39 -3.68
CA LEU A 720 -6.08 -18.54 -4.54
C LEU A 720 -5.76 -19.83 -3.81
N TYR A 721 -5.16 -19.74 -2.62
CA TYR A 721 -4.74 -20.89 -1.83
C TYR A 721 -3.58 -21.57 -2.45
N GLU A 722 -3.02 -20.92 -3.45
CA GLU A 722 -1.80 -21.37 -4.07
C GLU A 722 -1.12 -20.14 -4.67
N SER A 723 -0.21 -20.37 -5.60
CA SER A 723 0.78 -19.37 -5.87
C SER A 723 0.64 -18.97 -7.30
N PRO A 724 -0.04 -17.85 -7.55
CA PRO A 724 -0.30 -17.46 -8.94
C PRO A 724 1.03 -17.05 -9.55
N ARG A 725 1.18 -17.17 -10.87
CA ARG A 725 2.46 -16.85 -11.48
C ARG A 725 2.35 -15.81 -12.60
N LYS A 726 1.44 -16.01 -13.57
CA LYS A 726 1.21 -15.00 -14.65
C LYS A 726 -0.25 -14.62 -14.82
N ILE A 727 -0.58 -13.69 -15.70
CA ILE A 727 -1.98 -13.25 -15.84
C ILE A 727 -2.30 -12.48 -17.12
N CYS A 728 -3.31 -12.97 -17.85
CA CYS A 728 -3.74 -12.35 -19.12
C CYS A 728 -5.19 -11.94 -19.08
N TYR A 729 -5.58 -11.12 -20.05
CA TYR A 729 -6.97 -10.79 -20.17
C TYR A 729 -7.44 -10.99 -21.60
N GLN A 730 -8.06 -12.15 -21.82
CA GLN A 730 -8.88 -12.45 -22.99
C GLN A 730 -10.29 -11.81 -22.83
N GLU A 731 -10.46 -10.62 -23.40
CA GLU A 731 -11.65 -9.83 -23.13
C GLU A 731 -12.80 -10.35 -23.94
N VAL A 732 -12.54 -10.80 -25.16
CA VAL A 732 -13.61 -11.32 -26.00
C VAL A 732 -14.24 -12.52 -25.29
N SER A 733 -13.48 -13.21 -24.44
CA SER A 733 -14.05 -14.25 -23.57
C SER A 733 -14.48 -13.75 -22.21
N GLN A 734 -14.40 -12.44 -21.98
CA GLN A 734 -14.71 -11.82 -20.67
C GLN A 734 -14.11 -12.57 -19.46
N CYS A 735 -12.82 -12.88 -19.57
CA CYS A 735 -12.13 -13.59 -18.50
C CYS A 735 -10.61 -13.38 -18.46
N PHE A 736 -10.06 -13.77 -17.33
CA PHE A 736 -8.62 -13.80 -17.15
C PHE A 736 -8.11 -15.21 -17.25
N GLY A 737 -6.92 -15.33 -17.82
CA GLY A 737 -6.16 -16.58 -17.73
C GLY A 737 -5.02 -16.46 -16.73
N VAL A 738 -4.80 -17.48 -15.94
CA VAL A 738 -3.83 -17.31 -14.91
C VAL A 738 -2.96 -18.55 -14.75
N LEU A 739 -1.64 -18.38 -14.72
CA LEU A 739 -0.77 -19.50 -14.50
C LEU A 739 -0.75 -19.73 -13.01
N SER A 740 -0.68 -20.99 -12.58
CA SER A 740 -0.85 -21.27 -11.16
C SER A 740 0.02 -22.43 -10.73
N SER A 741 0.17 -22.61 -9.44
CA SER A 741 1.06 -23.67 -8.98
C SER A 741 0.74 -24.11 -7.55
N ARG A 742 0.63 -25.41 -7.37
CA ARG A 742 0.46 -25.89 -6.04
C ARG A 742 1.57 -26.89 -5.84
N ILE A 743 1.87 -27.10 -4.56
CA ILE A 743 2.83 -28.06 -4.11
C ILE A 743 2.06 -29.38 -3.92
N GLU A 744 2.78 -30.46 -3.68
CA GLU A 744 2.18 -31.77 -3.44
C GLU A 744 3.31 -32.59 -2.94
N VAL A 745 3.02 -33.74 -2.34
CA VAL A 745 4.05 -34.63 -1.81
C VAL A 745 3.95 -36.05 -2.38
N GLN A 746 5.08 -36.75 -2.44
CA GLN A 746 5.12 -38.17 -2.75
C GLN A 746 4.12 -38.93 -1.85
N ASP A 747 3.65 -40.07 -2.33
CA ASP A 747 2.74 -40.91 -1.56
C ASP A 747 3.43 -42.19 -1.09
N THR A 748 2.68 -43.03 -0.38
CA THR A 748 3.09 -44.43 -0.15
C THR A 748 2.85 -45.21 -1.47
N SER A 749 1.80 -44.83 -2.20
CA SER A 749 1.54 -45.29 -3.56
C SER A 749 2.58 -44.77 -4.57
N GLY A 750 3.28 -43.70 -4.17
CA GLY A 750 4.35 -43.12 -4.99
C GLY A 750 3.93 -41.77 -5.53
N GLY A 751 2.75 -41.74 -6.15
CA GLY A 751 2.19 -40.54 -6.79
C GLY A 751 2.02 -39.35 -5.87
N THR A 752 1.35 -38.31 -6.37
CA THR A 752 1.25 -37.06 -5.57
C THR A 752 -0.15 -36.60 -5.10
N THR A 753 -0.24 -36.43 -3.80
CA THR A 753 -1.47 -36.02 -3.13
C THR A 753 -1.72 -34.54 -3.31
N ALA A 754 -1.27 -33.75 -2.35
CA ALA A 754 -1.61 -32.32 -2.17
C ALA A 754 -1.53 -32.08 -0.66
N LEU A 755 -1.97 -30.91 -0.19
CA LEU A 755 -1.85 -30.55 1.24
C LEU A 755 -3.01 -29.66 1.69
N ARG A 756 -3.80 -29.21 0.71
CA ARG A 756 -5.00 -28.40 0.91
C ARG A 756 -5.78 -28.20 -0.40
N PRO A 757 -7.09 -27.89 -0.31
CA PRO A 757 -7.84 -27.56 -1.52
C PRO A 757 -7.27 -26.29 -2.07
N SER A 758 -7.21 -26.18 -3.39
CA SER A 758 -6.59 -25.04 -4.04
C SER A 758 -7.56 -24.51 -5.04
N ALA A 759 -7.31 -23.31 -5.48
CA ALA A 759 -8.05 -22.77 -6.59
C ALA A 759 -8.14 -23.73 -7.76
N SER A 760 -7.23 -24.69 -7.83
CA SER A 760 -7.15 -25.49 -9.05
C SER A 760 -7.74 -26.91 -8.83
N THR A 761 -8.01 -27.21 -7.56
CA THR A 761 -8.67 -28.43 -7.23
C THR A 761 -10.16 -28.18 -7.01
N GLN A 762 -10.53 -27.02 -6.48
CA GLN A 762 -11.93 -26.64 -6.30
C GLN A 762 -12.50 -26.04 -7.57
N ALA A 763 -11.87 -26.32 -8.71
CA ALA A 763 -12.24 -25.66 -9.99
C ALA A 763 -13.59 -26.16 -10.49
N LEU A 764 -14.37 -25.30 -11.15
CA LEU A 764 -15.72 -25.70 -11.61
C LEU A 764 -15.72 -26.88 -12.60
N SER A 765 -14.92 -26.77 -13.65
CA SER A 765 -14.62 -27.90 -14.53
C SER A 765 -13.14 -28.26 -14.40
N SER A 766 -12.55 -28.92 -15.40
CA SER A 766 -11.10 -29.23 -15.37
C SER A 766 -10.57 -30.18 -16.48
N SER A 767 -9.27 -30.09 -16.75
CA SER A 767 -8.60 -30.84 -17.81
C SER A 767 -7.28 -31.34 -17.30
N VAL A 768 -6.53 -32.01 -18.16
CA VAL A 768 -5.18 -32.43 -17.83
C VAL A 768 -4.47 -32.70 -19.14
N SER A 769 -3.16 -32.46 -19.18
CA SER A 769 -2.50 -32.63 -20.46
C SER A 769 -2.43 -34.10 -20.77
N SER A 770 -2.85 -34.40 -22.00
CA SER A 770 -2.82 -35.75 -22.54
C SER A 770 -1.49 -35.99 -23.24
N SER A 771 -1.19 -35.12 -24.22
CA SER A 771 0.12 -35.04 -24.90
C SER A 771 1.23 -36.04 -24.46
N LYS A 772 1.88 -36.64 -25.44
CA LYS A 772 2.81 -37.76 -25.18
C LYS A 772 4.26 -37.52 -25.65
N LEU A 773 4.59 -36.24 -25.88
CA LEU A 773 5.87 -35.85 -26.52
C LEU A 773 7.15 -36.30 -25.83
N PHE A 774 7.02 -36.88 -24.63
CA PHE A 774 8.18 -37.34 -23.87
C PHE A 774 8.03 -38.84 -23.47
N SER A 775 9.11 -39.43 -22.94
CA SER A 775 9.21 -40.90 -22.80
C SER A 775 9.98 -41.46 -21.61
N SER A 776 11.30 -41.29 -21.64
CA SER A 776 12.24 -41.92 -20.69
C SER A 776 11.80 -41.90 -19.21
N GLY A 786 6.53 -36.63 1.73
CA GLY A 786 7.97 -36.55 1.61
C GLY A 786 8.41 -35.70 0.43
N GLU A 787 9.00 -36.34 -0.57
CA GLU A 787 9.46 -35.68 -1.81
C GLU A 787 8.44 -34.66 -2.35
N GLU A 788 8.88 -33.41 -2.49
CA GLU A 788 7.98 -32.33 -2.92
C GLU A 788 8.01 -32.07 -4.42
N VAL A 789 6.88 -31.63 -4.98
CA VAL A 789 6.84 -31.17 -6.36
C VAL A 789 5.77 -30.10 -6.56
N GLU A 790 5.86 -29.39 -7.68
CA GLU A 790 4.93 -28.35 -7.97
C GLU A 790 3.95 -28.93 -8.95
N VAL A 791 2.71 -28.47 -8.95
CA VAL A 791 1.77 -28.91 -9.96
C VAL A 791 1.21 -27.63 -10.47
N HIS A 792 1.19 -27.50 -11.80
CA HIS A 792 0.95 -26.22 -12.43
C HIS A 792 -0.32 -26.23 -13.23
N ASN A 793 -1.08 -25.15 -13.19
CA ASN A 793 -2.29 -25.05 -13.98
C ASN A 793 -2.42 -23.76 -14.72
N LEU A 794 -3.03 -23.82 -15.89
CA LEU A 794 -3.69 -22.66 -16.43
C LEU A 794 -5.03 -22.63 -15.70
N LEU A 795 -5.58 -21.43 -15.48
CA LEU A 795 -6.83 -21.27 -14.75
C LEU A 795 -7.64 -20.29 -15.55
N ILE A 796 -8.95 -20.38 -15.47
CA ILE A 796 -9.75 -19.45 -16.21
C ILE A 796 -10.67 -18.72 -15.27
N ILE A 797 -10.50 -17.41 -15.18
CA ILE A 797 -11.26 -16.67 -14.19
C ILE A 797 -12.32 -15.76 -14.79
N ASP A 798 -13.55 -15.98 -14.34
CA ASP A 798 -14.60 -15.10 -14.76
C ASP A 798 -14.21 -13.67 -14.33
N GLN A 799 -14.23 -12.74 -15.26
CA GLN A 799 -13.84 -11.39 -14.89
C GLN A 799 -14.84 -10.70 -14.01
N HIS A 800 -16.04 -11.26 -13.86
CA HIS A 800 -17.12 -10.60 -13.12
C HIS A 800 -17.31 -11.20 -11.77
N THR A 801 -17.27 -12.52 -11.73
CA THR A 801 -17.45 -13.25 -10.49
C THR A 801 -16.14 -13.65 -9.78
N PHE A 802 -15.04 -13.59 -10.52
CA PHE A 802 -13.74 -14.13 -10.09
C PHE A 802 -13.81 -15.57 -9.57
N GLU A 803 -14.45 -16.42 -10.37
CA GLU A 803 -14.48 -17.85 -10.12
C GLU A 803 -13.47 -18.52 -11.03
N VAL A 804 -12.86 -19.58 -10.49
CA VAL A 804 -12.11 -20.54 -11.27
C VAL A 804 -13.08 -21.29 -12.17
N LEU A 805 -13.40 -20.72 -13.32
CA LEU A 805 -14.25 -21.40 -14.24
C LEU A 805 -13.63 -22.77 -14.54
N HIS A 806 -12.62 -22.79 -15.38
CA HIS A 806 -11.95 -24.05 -15.73
C HIS A 806 -10.49 -24.16 -15.17
N ALA A 807 -9.97 -25.38 -15.10
CA ALA A 807 -8.53 -25.66 -14.83
C ALA A 807 -7.90 -26.69 -15.78
N HIS A 808 -6.81 -26.32 -16.46
CA HIS A 808 -5.96 -27.30 -17.12
C HIS A 808 -4.71 -27.65 -16.33
N GLN A 809 -4.58 -28.88 -15.88
CA GLN A 809 -3.35 -29.33 -15.23
C GLN A 809 -2.28 -29.73 -16.24
N PHE A 810 -1.06 -29.29 -16.00
CA PHE A 810 0.04 -29.59 -16.91
C PHE A 810 0.73 -30.91 -16.57
N LEU A 811 1.67 -31.34 -17.42
CA LEU A 811 2.36 -32.62 -17.25
C LEU A 811 3.01 -32.84 -15.88
N GLN A 812 3.38 -34.07 -15.57
CA GLN A 812 4.08 -34.31 -14.33
C GLN A 812 5.53 -33.84 -14.45
N ASN A 813 5.77 -32.63 -13.93
CA ASN A 813 7.09 -31.97 -13.83
C ASN A 813 7.24 -30.93 -14.87
N GLU A 814 6.17 -30.22 -15.13
CA GLU A 814 6.19 -29.17 -16.08
C GLU A 814 5.88 -27.88 -15.38
N TYR A 815 6.62 -26.82 -15.68
CA TYR A 815 6.28 -25.50 -15.20
C TYR A 815 5.80 -24.74 -16.40
N ALA A 816 4.67 -24.07 -16.24
CA ALA A 816 4.22 -23.14 -17.24
C ALA A 816 4.77 -21.79 -16.79
N LEU A 817 5.57 -21.15 -17.64
CA LEU A 817 6.28 -19.99 -17.17
C LEU A 817 5.81 -18.72 -17.84
N SER A 818 5.23 -18.82 -19.03
CA SER A 818 4.74 -17.64 -19.75
C SER A 818 3.31 -17.77 -20.25
N LEU A 819 2.62 -16.65 -20.44
CA LEU A 819 1.22 -16.70 -20.87
C LEU A 819 0.80 -15.49 -21.68
N VAL A 820 0.18 -15.68 -22.83
CA VAL A 820 -0.32 -14.55 -23.62
C VAL A 820 -1.74 -14.80 -24.07
N SER A 821 -2.45 -13.72 -24.42
CA SER A 821 -3.76 -13.86 -25.03
C SER A 821 -3.79 -13.05 -26.29
N CYS A 822 -3.79 -13.73 -27.43
CA CYS A 822 -3.76 -12.99 -28.68
C CYS A 822 -4.43 -13.71 -29.85
N LYS A 823 -4.65 -12.95 -30.93
CA LYS A 823 -5.02 -13.47 -32.25
C LYS A 823 -3.75 -13.74 -33.02
N LEU A 824 -3.77 -14.70 -33.94
CA LEU A 824 -2.55 -15.03 -34.68
C LEU A 824 -2.76 -15.27 -36.18
N GLY A 825 -1.68 -15.09 -36.96
CA GLY A 825 -1.71 -15.23 -38.43
C GLY A 825 -2.90 -14.54 -39.08
N LYS A 826 -3.61 -15.27 -39.95
CA LYS A 826 -4.89 -14.82 -40.49
C LYS A 826 -6.04 -15.17 -39.53
N ASP A 827 -5.93 -16.37 -38.95
CA ASP A 827 -6.82 -16.95 -37.94
C ASP A 827 -7.58 -15.95 -37.06
N PRO A 828 -8.93 -16.04 -37.05
CA PRO A 828 -9.72 -15.02 -36.33
C PRO A 828 -9.97 -15.38 -34.87
N ASN A 829 -9.27 -16.39 -34.36
CA ASN A 829 -9.47 -16.82 -32.99
C ASN A 829 -8.56 -16.13 -32.02
N THR A 830 -9.06 -15.82 -30.83
CA THR A 830 -8.21 -15.29 -29.75
C THR A 830 -7.81 -16.44 -28.82
N TYR A 831 -6.51 -16.75 -28.78
CA TYR A 831 -5.98 -17.90 -28.03
C TYR A 831 -5.36 -17.55 -26.67
N PHE A 832 -4.97 -18.59 -25.94
CA PHE A 832 -4.20 -18.49 -24.73
C PHE A 832 -2.97 -19.33 -24.88
N ILE A 833 -1.83 -18.72 -25.17
CA ILE A 833 -0.62 -19.50 -25.37
C ILE A 833 0.24 -19.61 -24.11
N VAL A 834 0.92 -20.73 -23.96
CA VAL A 834 1.62 -21.02 -22.73
C VAL A 834 2.97 -21.71 -22.94
N GLY A 835 4.06 -20.99 -22.69
CA GLY A 835 5.38 -21.61 -22.65
C GLY A 835 5.62 -22.39 -21.38
N THR A 836 6.28 -23.52 -21.50
CA THR A 836 6.41 -24.43 -20.37
C THR A 836 7.84 -24.92 -20.25
N ALA A 837 8.09 -25.91 -19.41
CA ALA A 837 9.43 -26.44 -19.27
C ALA A 837 9.49 -27.68 -18.39
N MET A 838 10.31 -28.63 -18.78
CA MET A 838 10.48 -29.79 -17.93
C MET A 838 11.65 -29.54 -17.00
N VAL A 839 11.34 -29.46 -15.71
CA VAL A 839 12.27 -29.03 -14.70
C VAL A 839 12.68 -30.23 -13.92
N TYR A 840 13.97 -30.42 -13.67
CA TYR A 840 14.40 -31.43 -12.70
C TYR A 840 15.64 -30.95 -11.91
N PRO A 841 15.74 -31.32 -10.61
CA PRO A 841 16.84 -30.79 -9.77
C PRO A 841 18.23 -31.24 -10.19
N GLU A 842 18.32 -32.33 -10.93
CA GLU A 842 19.60 -32.81 -11.43
C GLU A 842 20.06 -31.99 -12.63
N GLU A 843 19.11 -31.35 -13.32
CA GLU A 843 19.43 -30.45 -14.43
C GLU A 843 19.61 -29.02 -13.95
N ALA A 844 20.81 -28.48 -14.10
CA ALA A 844 21.11 -27.09 -13.74
C ALA A 844 20.23 -26.14 -14.53
N GLU A 845 19.68 -26.67 -15.63
CA GLU A 845 18.98 -25.88 -16.62
C GLU A 845 18.15 -26.82 -17.53
N PRO A 846 16.85 -26.54 -17.68
CA PRO A 846 15.98 -27.31 -18.59
C PRO A 846 16.28 -27.17 -20.09
N LYS A 847 16.22 -28.34 -20.78
CA LYS A 847 16.45 -28.50 -22.23
C LYS A 847 15.22 -29.09 -22.95
N GLN A 848 14.08 -29.17 -22.26
CA GLN A 848 12.83 -29.59 -22.84
C GLN A 848 11.71 -28.71 -22.34
N GLY A 849 10.76 -28.40 -23.21
CA GLY A 849 9.58 -27.66 -22.84
C GLY A 849 8.73 -27.46 -24.07
N ARG A 850 7.57 -26.82 -23.93
CA ARG A 850 6.71 -26.64 -25.07
C ARG A 850 5.87 -25.40 -25.00
N ILE A 851 5.64 -24.86 -26.16
CA ILE A 851 4.64 -23.87 -26.35
C ILE A 851 3.32 -24.61 -26.67
N VAL A 852 2.19 -24.11 -26.13
CA VAL A 852 0.88 -24.74 -26.32
C VAL A 852 -0.16 -23.70 -26.63
N VAL A 853 -0.97 -23.96 -27.65
CA VAL A 853 -2.02 -23.04 -27.98
C VAL A 853 -3.35 -23.58 -27.53
N PHE A 854 -4.13 -22.72 -26.88
CA PHE A 854 -5.38 -23.09 -26.24
C PHE A 854 -6.49 -22.16 -26.66
N GLN A 855 -7.71 -22.66 -26.63
CA GLN A 855 -8.86 -21.80 -26.79
C GLN A 855 -9.88 -22.04 -25.70
N TYR A 856 -10.55 -20.96 -25.33
CA TYR A 856 -11.73 -20.99 -24.46
C TYR A 856 -13.02 -20.67 -25.26
N SER A 857 -13.90 -21.68 -25.33
CA SER A 857 -15.07 -21.67 -26.20
C SER A 857 -16.32 -21.17 -25.46
N ASP A 858 -17.29 -22.06 -25.29
CA ASP A 858 -18.48 -21.77 -24.50
C ASP A 858 -18.09 -21.80 -23.04
N GLY A 859 -17.48 -22.90 -22.63
CA GLY A 859 -17.00 -23.09 -21.27
C GLY A 859 -15.94 -24.14 -21.45
N LYS A 860 -15.46 -24.17 -22.70
CA LYS A 860 -14.59 -25.24 -23.21
C LYS A 860 -13.12 -24.81 -23.37
N LEU A 861 -12.19 -25.71 -23.05
CA LEU A 861 -10.75 -25.45 -23.15
C LEU A 861 -10.07 -26.35 -24.18
N GLN A 862 -10.09 -25.91 -25.44
CA GLN A 862 -9.51 -26.70 -26.54
C GLN A 862 -7.97 -26.59 -26.70
N THR A 863 -7.27 -27.71 -26.48
CA THR A 863 -5.82 -27.85 -26.75
C THR A 863 -5.50 -27.75 -28.25
N VAL A 864 -5.51 -26.53 -28.80
CA VAL A 864 -5.45 -26.29 -30.27
C VAL A 864 -4.20 -26.83 -30.96
N ALA A 865 -3.04 -26.60 -30.37
CA ALA A 865 -1.77 -26.97 -31.00
C ALA A 865 -0.67 -26.96 -29.97
N GLU A 866 0.09 -28.04 -29.87
CA GLU A 866 1.32 -28.01 -29.09
C GLU A 866 2.53 -27.73 -29.98
N LYS A 867 3.74 -27.87 -29.44
CA LYS A 867 5.00 -27.53 -30.13
C LYS A 867 6.21 -27.70 -29.22
N GLU A 868 6.82 -28.89 -29.21
CA GLU A 868 7.97 -29.17 -28.38
C GLU A 868 9.08 -28.20 -28.71
N VAL A 869 9.84 -27.83 -27.67
CA VAL A 869 11.04 -26.98 -27.82
C VAL A 869 12.15 -27.51 -26.94
N LYS A 870 13.39 -27.21 -27.33
CA LYS A 870 14.58 -27.80 -26.72
C LYS A 870 15.10 -26.97 -25.53
N GLY A 871 14.18 -26.36 -24.79
CA GLY A 871 14.51 -25.50 -23.65
C GLY A 871 13.28 -25.01 -22.93
N ALA A 872 13.50 -24.14 -21.94
CA ALA A 872 12.45 -23.57 -21.09
C ALA A 872 11.95 -22.26 -21.68
N VAL A 873 10.66 -22.18 -21.98
CA VAL A 873 10.13 -20.92 -22.50
C VAL A 873 9.97 -19.89 -21.39
N TYR A 874 10.88 -18.91 -21.39
CA TYR A 874 10.96 -17.93 -20.32
C TYR A 874 10.00 -16.80 -20.50
N SER A 875 9.70 -16.48 -21.73
CA SER A 875 8.67 -15.53 -21.96
C SER A 875 8.33 -15.52 -23.44
N MET A 876 7.29 -14.76 -23.80
CA MET A 876 6.82 -14.69 -25.16
C MET A 876 5.78 -13.60 -25.42
N VAL A 877 6.06 -12.64 -26.28
CA VAL A 877 5.01 -11.71 -26.63
C VAL A 877 4.42 -12.04 -28.01
N GLU A 878 3.15 -11.70 -28.18
CA GLU A 878 2.56 -11.54 -29.49
C GLU A 878 3.39 -10.48 -30.18
N PHE A 879 3.76 -10.72 -31.43
CA PHE A 879 4.55 -9.72 -32.12
C PHE A 879 3.70 -8.83 -33.03
N ASN A 880 3.75 -9.09 -34.33
CA ASN A 880 2.90 -8.43 -35.30
C ASN A 880 2.11 -9.52 -35.99
N GLY A 881 1.09 -10.03 -35.30
CA GLY A 881 0.33 -11.18 -35.76
C GLY A 881 1.09 -12.48 -35.65
N LYS A 882 2.41 -12.40 -35.38
CA LYS A 882 3.27 -13.59 -35.17
C LYS A 882 3.56 -13.77 -33.66
N LEU A 883 4.27 -14.85 -33.34
CA LEU A 883 4.53 -15.22 -31.95
C LEU A 883 6.01 -15.27 -31.60
N LEU A 884 6.41 -14.25 -30.84
CA LEU A 884 7.78 -14.12 -30.35
C LEU A 884 7.93 -14.80 -29.01
N ALA A 885 9.06 -15.48 -28.81
CA ALA A 885 9.17 -16.39 -27.69
C ALA A 885 10.61 -16.70 -27.36
N SER A 886 11.02 -16.36 -26.15
CA SER A 886 12.38 -16.66 -25.69
C SER A 886 12.46 -18.12 -25.26
N ILE A 887 13.37 -18.86 -25.88
CA ILE A 887 13.62 -20.25 -25.49
C ILE A 887 15.01 -20.38 -24.91
N ASN A 888 15.10 -20.21 -23.61
CA ASN A 888 16.24 -20.67 -22.84
C ASN A 888 17.58 -19.97 -23.08
N SER A 889 17.66 -19.09 -24.08
CA SER A 889 18.96 -18.68 -24.68
C SER A 889 18.78 -18.28 -26.14
N THR A 890 17.75 -18.82 -26.76
CA THR A 890 17.38 -18.48 -28.11
C THR A 890 16.16 -17.60 -28.09
N VAL A 891 16.05 -16.73 -29.07
CA VAL A 891 14.91 -15.87 -29.18
C VAL A 891 14.28 -16.15 -30.52
N ARG A 892 13.04 -16.60 -30.53
CA ARG A 892 12.48 -17.18 -31.74
C ARG A 892 11.21 -16.50 -32.19
N LEU A 893 10.97 -16.48 -33.49
CA LEU A 893 9.77 -15.83 -34.00
C LEU A 893 8.91 -16.79 -34.79
N TYR A 894 7.87 -17.29 -34.14
CA TYR A 894 7.00 -18.30 -34.71
C TYR A 894 5.91 -17.73 -35.57
N GLU A 895 5.46 -18.53 -36.53
CA GLU A 895 4.34 -18.17 -37.38
C GLU A 895 3.20 -19.19 -37.25
N TRP A 896 1.99 -18.72 -37.48
CA TRP A 896 0.80 -19.54 -37.47
C TRP A 896 0.54 -19.93 -38.91
N THR A 897 0.53 -21.24 -39.19
CA THR A 897 0.12 -21.69 -40.50
C THR A 897 -1.38 -21.48 -40.61
N THR A 898 -1.90 -21.41 -41.83
CA THR A 898 -3.33 -21.51 -42.04
C THR A 898 -3.77 -22.92 -41.69
N GLU A 899 -2.82 -23.85 -41.76
CA GLU A 899 -2.99 -25.23 -41.31
C GLU A 899 -3.03 -25.30 -39.76
N LYS A 900 -3.18 -24.13 -39.12
CA LYS A 900 -3.23 -23.96 -37.64
C LYS A 900 -2.08 -24.63 -36.86
N ASP A 901 -0.84 -24.29 -37.22
CA ASP A 901 0.33 -24.77 -36.46
C ASP A 901 1.45 -23.71 -36.28
N VAL A 902 2.23 -23.85 -35.20
CA VAL A 902 3.34 -22.93 -34.93
C VAL A 902 4.65 -23.38 -35.62
N ARG A 903 5.04 -22.63 -36.65
CA ARG A 903 6.30 -22.92 -37.33
C ARG A 903 7.21 -21.70 -37.51
N THR A 904 8.49 -21.96 -37.22
CA THR A 904 9.59 -20.99 -37.16
C THR A 904 9.69 -20.05 -38.36
N GLU A 905 10.25 -18.88 -38.13
CA GLU A 905 10.63 -18.01 -39.22
C GLU A 905 12.11 -17.67 -39.07
N CYS A 906 12.51 -17.38 -37.84
CA CYS A 906 13.88 -16.99 -37.53
C CYS A 906 14.16 -17.05 -36.04
N ASN A 907 15.46 -17.04 -35.71
CA ASN A 907 15.90 -16.89 -34.33
C ASN A 907 17.29 -16.25 -34.06
N HIS A 908 17.34 -15.41 -33.03
CA HIS A 908 18.54 -14.81 -32.46
C HIS A 908 19.18 -15.76 -31.47
N TYR A 909 20.51 -15.78 -31.40
CA TYR A 909 21.18 -16.69 -30.51
C TYR A 909 22.07 -16.04 -29.48
N ASN A 910 22.45 -14.78 -29.73
CA ASN A 910 23.45 -14.06 -28.94
C ASN A 910 22.95 -13.60 -27.56
N ASN A 911 22.53 -14.56 -26.73
CA ASN A 911 21.98 -14.27 -25.43
C ASN A 911 22.58 -15.19 -24.42
N ILE A 912 22.88 -14.68 -23.25
CA ILE A 912 23.34 -15.56 -22.21
C ILE A 912 22.13 -16.34 -21.72
N MET A 913 21.03 -15.62 -21.47
CA MET A 913 19.70 -16.22 -21.24
C MET A 913 18.53 -15.23 -21.23
N ALA A 914 17.81 -15.21 -22.36
CA ALA A 914 16.64 -14.34 -22.56
C ALA A 914 15.48 -14.59 -21.57
N LEU A 915 15.20 -13.59 -20.75
CA LEU A 915 14.25 -13.76 -19.66
C LEU A 915 13.00 -12.95 -19.87
N TYR A 916 13.12 -11.91 -20.67
CA TYR A 916 12.11 -10.88 -20.74
C TYR A 916 12.13 -10.43 -22.16
N LEU A 917 11.00 -10.00 -22.67
CA LEU A 917 10.91 -9.50 -24.04
C LEU A 917 9.78 -8.49 -24.06
N LYS A 918 9.91 -7.46 -24.89
CA LYS A 918 8.83 -6.50 -25.06
C LYS A 918 8.83 -6.02 -26.49
N THR A 919 7.83 -5.24 -26.89
CA THR A 919 7.73 -4.88 -28.30
C THR A 919 7.30 -3.45 -28.51
N LYS A 920 8.14 -2.74 -29.26
CA LYS A 920 7.81 -1.41 -29.76
C LYS A 920 7.00 -1.59 -31.03
N GLY A 921 5.70 -1.75 -30.85
CA GLY A 921 4.76 -2.13 -31.91
C GLY A 921 5.41 -2.62 -33.18
N ASP A 922 6.10 -1.72 -33.87
CA ASP A 922 6.80 -2.08 -35.09
C ASP A 922 7.68 -3.31 -34.87
N PHE A 923 8.65 -3.50 -35.76
CA PHE A 923 9.56 -4.62 -35.67
C PHE A 923 10.75 -4.37 -34.74
N ILE A 924 10.48 -4.01 -33.47
CA ILE A 924 11.53 -3.80 -32.45
C ILE A 924 11.26 -4.56 -31.13
N LEU A 925 12.28 -5.34 -30.69
CA LEU A 925 12.29 -6.28 -29.52
C LEU A 925 13.48 -6.01 -28.58
N VAL A 926 13.67 -6.78 -27.50
CA VAL A 926 14.52 -6.34 -26.35
C VAL A 926 14.65 -7.33 -25.18
N GLY A 927 15.86 -7.69 -24.70
CA GLY A 927 16.05 -8.24 -23.32
C GLY A 927 17.13 -9.30 -23.05
N ASP A 928 17.48 -9.56 -21.75
CA ASP A 928 18.46 -10.66 -21.29
C ASP A 928 18.67 -10.86 -19.76
N LEU A 929 19.15 -12.04 -19.35
CA LEU A 929 19.27 -12.47 -17.93
C LEU A 929 20.34 -11.81 -17.11
N MET A 930 21.60 -11.96 -17.53
CA MET A 930 22.72 -11.36 -16.82
C MET A 930 23.57 -10.50 -17.74
N ARG A 931 22.90 -9.54 -18.50
CA ARG A 931 23.66 -8.63 -19.35
C ARG A 931 23.11 -7.18 -19.30
N SER A 932 21.93 -6.98 -19.49
CA SER A 932 21.41 -5.63 -19.34
C SER A 932 20.15 -5.43 -20.19
N VAL A 933 20.24 -5.84 -21.46
CA VAL A 933 19.13 -5.70 -22.39
C VAL A 933 19.62 -5.30 -23.78
N LEU A 934 19.16 -6.01 -24.80
CA LEU A 934 19.55 -5.72 -26.18
C LEU A 934 18.40 -5.12 -26.97
N LEU A 935 18.65 -4.85 -28.24
CA LEU A 935 17.64 -4.27 -29.10
C LEU A 935 17.66 -5.04 -30.41
N LEU A 936 16.48 -5.42 -30.87
CA LEU A 936 16.39 -6.21 -32.06
C LEU A 936 15.27 -5.76 -32.97
N ALA A 937 15.58 -5.58 -34.24
CA ALA A 937 14.54 -5.42 -35.25
C ALA A 937 14.23 -6.75 -35.92
N TYR A 938 12.98 -6.89 -36.34
CA TYR A 938 12.65 -7.91 -37.28
C TYR A 938 12.64 -7.25 -38.65
N LYS A 939 12.98 -8.03 -39.67
CA LYS A 939 13.11 -7.48 -41.01
C LYS A 939 12.15 -8.09 -42.04
N PRO A 940 11.16 -7.30 -42.49
CA PRO A 940 10.48 -7.56 -43.76
C PRO A 940 11.52 -7.58 -44.92
N MET A 941 12.73 -8.01 -44.59
CA MET A 941 13.79 -8.15 -45.53
C MET A 941 13.59 -9.54 -46.06
N GLU A 942 14.45 -10.45 -45.63
CA GLU A 942 14.24 -11.86 -45.85
C GLU A 942 13.52 -12.40 -44.62
N GLY A 943 12.83 -11.51 -43.92
CA GLY A 943 12.15 -11.86 -42.68
C GLY A 943 13.16 -12.35 -41.67
N ASN A 944 14.16 -11.51 -41.41
CA ASN A 944 15.25 -11.87 -40.50
C ASN A 944 15.31 -11.02 -39.22
N PHE A 945 15.99 -11.53 -38.19
CA PHE A 945 16.29 -10.71 -37.03
C PHE A 945 17.59 -10.00 -37.23
N GLU A 946 17.59 -8.70 -36.94
CA GLU A 946 18.82 -7.92 -36.88
C GLU A 946 19.02 -7.29 -35.49
N GLU A 947 20.17 -7.59 -34.87
CA GLU A 947 20.50 -7.09 -33.55
C GLU A 947 21.00 -5.65 -33.64
N ILE A 948 20.10 -4.67 -33.54
CA ILE A 948 20.50 -3.25 -33.62
C ILE A 948 21.62 -2.88 -32.66
N ALA A 949 21.43 -3.20 -31.38
CA ALA A 949 22.31 -2.70 -30.33
C ALA A 949 22.24 -3.51 -29.03
N ARG A 950 23.13 -3.19 -28.09
CA ARG A 950 22.95 -3.61 -26.72
C ARG A 950 23.61 -2.66 -25.73
N ASP A 951 23.76 -3.12 -24.50
CA ASP A 951 24.27 -2.31 -23.45
C ASP A 951 25.19 -3.20 -22.69
N PHE A 952 26.44 -2.79 -22.58
CA PHE A 952 27.47 -3.69 -22.08
C PHE A 952 27.71 -3.43 -20.59
N ASN A 953 26.81 -3.79 -19.73
CA ASN A 953 27.24 -3.67 -18.39
C ASN A 953 26.93 -5.01 -17.96
N PRO A 954 26.43 -5.18 -16.77
CA PRO A 954 26.02 -6.51 -16.55
C PRO A 954 25.02 -6.62 -15.53
N ASN A 955 23.79 -6.38 -15.89
CA ASN A 955 22.77 -6.31 -14.92
C ASN A 955 21.92 -7.52 -14.93
N TRP A 956 21.96 -8.25 -13.87
CA TRP A 956 20.99 -9.33 -13.75
C TRP A 956 19.57 -8.72 -13.72
N MET A 957 18.96 -8.63 -14.89
CA MET A 957 17.64 -8.06 -15.01
C MET A 957 16.62 -8.85 -14.24
N SER A 958 15.56 -8.14 -13.86
CA SER A 958 14.38 -8.78 -13.34
C SER A 958 13.17 -8.38 -14.18
N ALA A 959 13.24 -7.20 -14.79
CA ALA A 959 12.08 -6.63 -15.44
C ALA A 959 12.50 -5.61 -16.49
N VAL A 960 11.73 -5.48 -17.55
CA VAL A 960 12.16 -4.73 -18.74
C VAL A 960 10.94 -4.03 -19.30
N GLU A 961 11.10 -2.92 -20.00
CA GLU A 961 9.93 -2.29 -20.58
C GLU A 961 10.39 -1.39 -21.67
N ILE A 962 9.47 -0.92 -22.50
CA ILE A 962 9.84 0.01 -23.54
C ILE A 962 8.96 1.22 -23.37
N LEU A 963 9.56 2.39 -23.21
CA LEU A 963 8.73 3.59 -23.11
C LEU A 963 8.45 4.19 -24.47
N ASP A 964 9.45 4.15 -25.34
CA ASP A 964 9.30 4.64 -26.69
C ASP A 964 10.46 4.18 -27.57
N ASP A 965 10.38 4.58 -28.84
CA ASP A 965 11.28 4.16 -29.92
C ASP A 965 12.76 4.12 -29.55
N ASP A 966 13.13 4.84 -28.49
CA ASP A 966 14.54 4.95 -28.04
C ASP A 966 14.68 4.51 -26.58
N ASN A 967 13.60 4.61 -25.81
CA ASN A 967 13.69 4.53 -24.36
C ASN A 967 13.37 3.21 -23.71
N PHE A 968 14.38 2.68 -23.04
CA PHE A 968 14.31 1.33 -22.50
C PHE A 968 14.52 1.26 -20.96
N LEU A 969 13.43 0.99 -20.25
CA LEU A 969 13.44 0.81 -18.80
C LEU A 969 13.95 -0.56 -18.39
N GLY A 970 14.68 -0.61 -17.30
CA GLY A 970 15.27 -1.85 -16.83
C GLY A 970 15.29 -1.81 -15.32
N ALA A 971 15.03 -2.95 -14.71
CA ALA A 971 15.02 -3.11 -13.28
C ALA A 971 15.90 -4.29 -13.05
N GLU A 972 16.52 -4.42 -11.89
CA GLU A 972 17.47 -5.54 -11.78
C GLU A 972 17.92 -5.99 -10.40
N ASN A 973 18.50 -7.18 -10.36
CA ASN A 973 19.11 -7.80 -9.20
C ASN A 973 19.25 -6.95 -7.97
N ALA A 974 19.66 -5.69 -8.13
CA ALA A 974 20.06 -4.85 -7.00
C ALA A 974 19.15 -3.62 -6.74
N PHE A 975 17.87 -3.76 -7.06
CA PHE A 975 16.89 -2.73 -6.71
C PHE A 975 17.22 -1.42 -7.36
N ASN A 976 17.86 -1.51 -8.53
CA ASN A 976 18.08 -0.30 -9.31
C ASN A 976 17.20 -0.24 -10.54
N LEU A 977 16.84 0.97 -10.93
CA LEU A 977 16.19 1.21 -12.17
C LEU A 977 17.21 1.86 -13.07
N PHE A 978 17.06 1.68 -14.38
CA PHE A 978 17.96 2.31 -15.34
C PHE A 978 17.35 2.42 -16.70
N VAL A 979 17.84 3.37 -17.47
CA VAL A 979 17.29 3.63 -18.77
C VAL A 979 18.41 3.57 -19.80
N CYS A 980 18.05 3.17 -21.01
CA CYS A 980 18.95 3.15 -22.13
C CYS A 980 18.26 3.78 -23.28
N GLN A 981 19.02 4.59 -24.01
CA GLN A 981 18.71 4.90 -25.41
C GLN A 981 19.88 4.55 -26.32
N LYS A 982 19.75 4.82 -27.60
CA LYS A 982 20.82 4.51 -28.53
C LYS A 982 21.46 5.80 -29.04
N ASP A 983 22.76 5.73 -29.34
CA ASP A 983 23.59 6.90 -29.60
C ASP A 983 23.20 7.67 -30.86
N SER A 984 23.16 9.00 -30.77
CA SER A 984 23.08 9.87 -31.97
C SER A 984 24.49 10.28 -32.41
N ALA A 985 25.18 9.38 -33.10
CA ALA A 985 26.62 9.51 -33.32
C ALA A 985 27.12 9.10 -34.70
N ALA A 986 28.02 9.92 -35.24
CA ALA A 986 28.81 9.57 -36.40
C ALA A 986 29.50 8.23 -36.16
N THR A 987 29.84 7.53 -37.24
CA THR A 987 30.60 6.25 -37.17
C THR A 987 29.75 5.07 -36.65
N THR A 988 28.59 4.90 -37.27
CA THR A 988 27.52 4.03 -36.77
C THR A 988 27.80 2.53 -36.90
N ASP A 989 29.01 2.11 -36.55
CA ASP A 989 29.36 0.69 -36.59
C ASP A 989 29.93 0.22 -35.27
N GLU A 990 29.92 1.13 -34.31
CA GLU A 990 30.28 0.80 -32.96
C GLU A 990 29.49 1.74 -32.07
N GLU A 991 29.60 3.02 -32.37
CA GLU A 991 28.84 4.03 -31.65
C GLU A 991 27.36 3.78 -31.82
N ARG A 992 27.01 2.76 -32.59
CA ARG A 992 25.62 2.37 -32.80
C ARG A 992 25.32 1.01 -32.17
N GLN A 993 26.32 0.13 -32.22
CA GLN A 993 26.22 -1.21 -31.68
C GLN A 993 26.21 -1.19 -30.14
N HIS A 994 26.26 0.02 -29.58
CA HIS A 994 26.34 0.27 -28.14
C HIS A 994 25.31 1.31 -27.79
N LEU A 995 24.60 1.10 -26.68
CA LEU A 995 23.58 2.06 -26.19
C LEU A 995 23.81 2.40 -24.74
N GLN A 996 23.72 3.69 -24.43
CA GLN A 996 24.32 4.19 -23.18
C GLN A 996 23.30 4.28 -22.08
N GLU A 997 23.74 4.04 -20.85
CA GLU A 997 22.85 4.13 -19.69
C GLU A 997 22.58 5.59 -19.31
N VAL A 998 21.54 6.17 -19.88
CA VAL A 998 21.29 7.61 -19.74
C VAL A 998 20.46 7.98 -18.52
N GLY A 999 20.00 6.99 -17.78
CA GLY A 999 19.28 7.25 -16.51
C GLY A 999 19.66 6.19 -15.50
N LEU A 1000 19.92 6.58 -14.26
CA LEU A 1000 20.17 5.56 -13.26
C LEU A 1000 19.47 6.01 -12.00
N PHE A 1001 19.07 5.03 -11.17
CA PHE A 1001 18.23 5.27 -10.00
C PHE A 1001 18.10 4.05 -9.07
N HIS A 1002 18.20 4.26 -7.77
CA HIS A 1002 18.01 3.17 -6.85
C HIS A 1002 16.61 3.27 -6.26
N LEU A 1003 15.82 2.24 -6.54
CA LEU A 1003 14.42 2.22 -6.16
C LEU A 1003 14.33 1.68 -4.75
N GLY A 1004 15.04 0.60 -4.51
CA GLY A 1004 15.07 0.06 -3.18
C GLY A 1004 14.00 -0.98 -3.12
N GLU A 1005 13.62 -1.44 -4.30
CA GLU A 1005 12.58 -2.43 -4.47
C GLU A 1005 12.96 -3.37 -5.57
N PHE A 1006 12.51 -4.61 -5.49
CA PHE A 1006 12.76 -5.60 -6.53
C PHE A 1006 11.58 -5.63 -7.44
N VAL A 1007 11.75 -5.31 -8.71
CA VAL A 1007 10.61 -5.22 -9.58
C VAL A 1007 10.38 -6.55 -10.35
N ASN A 1008 9.18 -7.12 -10.28
CA ASN A 1008 8.82 -8.27 -11.12
C ASN A 1008 8.16 -7.88 -12.43
N VAL A 1009 7.50 -6.73 -12.51
CA VAL A 1009 6.71 -6.44 -13.71
C VAL A 1009 6.57 -4.97 -14.06
N PHE A 1010 6.74 -4.66 -15.32
CA PHE A 1010 6.33 -3.36 -15.81
C PHE A 1010 5.10 -3.53 -16.66
N CYS A 1011 4.26 -2.51 -16.70
CA CYS A 1011 3.32 -2.47 -17.79
C CYS A 1011 2.75 -1.09 -17.97
N HIS A 1012 2.50 -0.76 -19.23
CA HIS A 1012 1.81 0.47 -19.58
C HIS A 1012 0.40 0.34 -19.08
N GLY A 1013 -0.10 1.41 -18.52
CA GLY A 1013 -1.38 1.40 -17.85
C GLY A 1013 -1.46 2.65 -17.00
N SER A 1014 -2.60 2.86 -16.34
CA SER A 1014 -2.78 3.94 -15.40
C SER A 1014 -4.06 3.68 -14.64
N LEU A 1015 -4.17 4.26 -13.47
CA LEU A 1015 -5.31 4.01 -12.64
C LEU A 1015 -6.32 5.15 -12.65
N VAL A 1016 -6.03 6.22 -13.37
CA VAL A 1016 -6.85 7.40 -13.21
C VAL A 1016 -7.52 7.89 -14.47
N MET A 1017 -7.87 9.17 -14.48
CA MET A 1017 -8.55 9.84 -15.59
C MET A 1017 -9.94 9.24 -15.78
N GLN A 1018 -10.63 9.67 -16.83
CA GLN A 1018 -12.08 9.43 -17.03
C GLN A 1018 -12.53 8.05 -16.57
N PRO A 1026 2.33 18.20 -19.12
CA PRO A 1026 3.19 18.08 -17.94
C PRO A 1026 4.12 16.87 -18.03
N THR A 1027 3.53 15.70 -18.30
CA THR A 1027 4.24 14.42 -18.43
C THR A 1027 3.59 13.53 -19.50
N GLN A 1028 4.42 12.78 -20.22
CA GLN A 1028 3.97 11.89 -21.30
C GLN A 1028 4.20 10.43 -20.88
N GLY A 1029 3.46 9.50 -21.45
CA GLY A 1029 3.58 8.07 -21.07
C GLY A 1029 3.20 7.75 -19.63
N SER A 1030 3.02 6.46 -19.35
CA SER A 1030 2.75 5.97 -17.98
C SER A 1030 2.89 4.45 -17.86
N VAL A 1031 3.97 4.02 -17.20
CA VAL A 1031 4.27 2.60 -16.99
C VAL A 1031 4.18 2.30 -15.53
N LEU A 1032 3.52 1.22 -15.17
CA LEU A 1032 3.36 0.90 -13.77
C LEU A 1032 4.27 -0.26 -13.45
N PHE A 1033 4.61 -0.43 -12.18
CA PHE A 1033 5.41 -1.59 -11.83
C PHE A 1033 5.08 -2.21 -10.51
N GLY A 1034 5.46 -3.48 -10.37
CA GLY A 1034 5.06 -4.22 -9.20
C GLY A 1034 6.24 -4.94 -8.63
N THR A 1035 6.27 -4.98 -7.31
CA THR A 1035 7.47 -5.35 -6.60
C THR A 1035 7.27 -6.47 -5.58
N VAL A 1036 8.33 -7.18 -5.28
CA VAL A 1036 8.30 -8.20 -4.27
C VAL A 1036 7.67 -7.73 -2.95
N ASN A 1037 7.58 -6.43 -2.76
CA ASN A 1037 7.32 -5.93 -1.44
C ASN A 1037 5.93 -5.37 -1.25
N GLY A 1038 5.21 -5.24 -2.34
CA GLY A 1038 3.84 -4.75 -2.29
C GLY A 1038 3.74 -3.39 -2.92
N MET A 1039 4.90 -2.86 -3.27
CA MET A 1039 4.93 -1.52 -3.77
C MET A 1039 4.46 -1.52 -5.22
N ILE A 1040 3.64 -0.52 -5.55
CA ILE A 1040 3.25 -0.24 -6.92
C ILE A 1040 3.71 1.18 -7.17
N GLY A 1041 4.69 1.32 -8.04
CA GLY A 1041 5.18 2.62 -8.46
C GLY A 1041 4.74 2.88 -9.89
N LEU A 1042 5.23 3.99 -10.46
CA LEU A 1042 4.78 4.48 -11.75
C LEU A 1042 5.90 5.25 -12.45
N VAL A 1043 6.13 5.08 -13.74
CA VAL A 1043 7.20 5.85 -14.36
C VAL A 1043 6.66 6.65 -15.53
N THR A 1044 6.81 7.96 -15.44
CA THR A 1044 6.41 8.84 -16.53
C THR A 1044 7.63 9.46 -17.20
N SER A 1045 7.44 9.92 -18.43
CA SER A 1045 8.45 10.68 -19.16
C SER A 1045 8.29 12.19 -18.92
N LEU A 1046 9.32 12.96 -19.27
CA LEU A 1046 9.38 14.38 -18.94
C LEU A 1046 9.97 15.19 -20.05
N SER A 1047 9.79 16.51 -19.96
CA SER A 1047 10.43 17.48 -20.86
C SER A 1047 11.64 18.13 -20.17
N GLU A 1048 12.80 18.09 -20.84
CA GLU A 1048 14.08 18.69 -20.34
C GLU A 1048 13.85 19.85 -19.37
N SER A 1049 12.98 20.78 -19.75
CA SER A 1049 12.66 21.91 -18.92
C SER A 1049 12.03 21.43 -17.61
N TRP A 1050 10.96 20.65 -17.72
CA TRP A 1050 10.29 20.13 -16.53
C TRP A 1050 11.25 19.32 -15.69
N TYR A 1051 12.14 18.60 -16.36
CA TYR A 1051 13.15 17.87 -15.65
C TYR A 1051 13.83 18.86 -14.75
N ASN A 1052 14.36 19.93 -15.37
CA ASN A 1052 15.24 20.89 -14.68
C ASN A 1052 14.55 21.67 -13.59
N LEU A 1053 13.34 22.11 -13.88
CA LEU A 1053 12.54 22.75 -12.88
C LEU A 1053 12.49 21.85 -11.64
N LEU A 1054 12.45 20.55 -11.88
CA LEU A 1054 12.28 19.59 -10.81
C LEU A 1054 13.60 19.12 -10.20
N LEU A 1055 14.64 19.03 -11.03
CA LEU A 1055 15.93 18.63 -10.52
C LEU A 1055 16.32 19.68 -9.50
N ASP A 1056 16.35 20.93 -9.97
CA ASP A 1056 16.68 22.04 -9.13
C ASP A 1056 15.88 21.92 -7.85
N MET A 1057 14.56 21.79 -8.01
CA MET A 1057 13.65 21.72 -6.88
C MET A 1057 13.85 20.51 -5.94
N GLN A 1058 14.53 19.49 -6.44
CA GLN A 1058 14.92 18.37 -5.60
C GLN A 1058 15.99 18.83 -4.65
N ASN A 1059 16.95 19.57 -5.19
CA ASN A 1059 18.09 20.06 -4.44
C ASN A 1059 17.70 21.13 -3.44
N ARG A 1060 16.94 22.12 -3.88
CA ARG A 1060 16.43 23.08 -2.95
C ARG A 1060 15.71 22.34 -1.82
N LEU A 1061 14.87 21.37 -2.17
CA LEU A 1061 14.06 20.66 -1.20
C LEU A 1061 14.82 19.84 -0.20
N ASN A 1062 15.95 19.28 -0.62
CA ASN A 1062 16.68 18.41 0.28
C ASN A 1062 17.24 19.18 1.45
N LYS A 1063 17.87 20.32 1.15
CA LYS A 1063 18.34 21.25 2.17
C LYS A 1063 17.29 21.58 3.26
N VAL A 1064 16.02 21.72 2.86
CA VAL A 1064 14.95 22.06 3.80
C VAL A 1064 14.46 20.89 4.69
N ILE A 1065 14.25 19.72 4.11
CA ILE A 1065 13.75 18.54 4.85
C ILE A 1065 14.81 17.85 5.70
N LYS A 1066 14.49 17.67 6.99
CA LYS A 1066 15.31 16.88 7.90
C LYS A 1066 15.01 15.39 7.74
N SER A 1067 15.96 14.68 7.15
CA SER A 1067 15.79 13.28 6.87
C SER A 1067 15.99 12.49 8.15
N VAL A 1068 15.23 11.43 8.29
CA VAL A 1068 15.12 10.76 9.57
C VAL A 1068 16.44 10.35 10.15
N GLY A 1069 17.13 9.38 9.57
CA GLY A 1069 18.39 8.94 10.17
C GLY A 1069 19.53 9.84 9.72
N LYS A 1070 19.21 11.11 9.52
CA LYS A 1070 20.09 12.12 8.91
C LYS A 1070 20.76 11.57 7.68
N ILE A 1071 20.00 10.88 6.84
CA ILE A 1071 20.54 10.19 5.68
C ILE A 1071 20.42 11.05 4.42
N GLU A 1072 21.46 11.01 3.61
CA GLU A 1072 21.50 11.80 2.38
C GLU A 1072 20.56 11.22 1.32
N HIS A 1073 19.51 11.97 1.00
CA HIS A 1073 18.61 11.60 -0.09
C HIS A 1073 19.34 11.09 -1.34
N SER A 1074 20.39 11.80 -1.71
CA SER A 1074 21.16 11.49 -2.91
C SER A 1074 22.03 10.27 -2.67
N PHE A 1075 22.36 9.96 -1.43
CA PHE A 1075 23.07 8.73 -1.13
C PHE A 1075 22.10 7.56 -1.29
N TRP A 1076 20.89 7.80 -0.82
CA TRP A 1076 19.81 6.87 -0.95
C TRP A 1076 19.65 6.53 -2.44
N ARG A 1077 19.46 7.53 -3.31
CA ARG A 1077 19.04 7.27 -4.71
C ARG A 1077 20.16 6.88 -5.64
N SER A 1078 21.31 6.52 -5.08
CA SER A 1078 22.48 6.39 -5.91
C SER A 1078 22.57 5.01 -6.48
N PHE A 1079 22.59 4.92 -7.80
CA PHE A 1079 22.68 3.64 -8.49
C PHE A 1079 23.76 2.84 -7.82
N HIS A 1080 23.53 1.56 -7.60
CA HIS A 1080 24.43 0.81 -6.73
C HIS A 1080 24.41 -0.72 -6.80
N THR A 1081 25.61 -1.25 -6.92
CA THR A 1081 25.86 -2.67 -7.04
C THR A 1081 27.03 -3.00 -6.15
N GLU A 1082 27.33 -4.28 -6.04
CA GLU A 1082 28.53 -4.75 -5.37
C GLU A 1082 29.74 -4.57 -6.27
N ARG A 1083 29.89 -3.37 -6.86
CA ARG A 1083 31.03 -3.01 -7.73
C ARG A 1083 30.80 -1.73 -8.55
N LYS A 1084 29.92 -0.86 -8.10
CA LYS A 1084 29.70 0.41 -8.77
C LYS A 1084 28.75 1.24 -7.93
N THR A 1085 29.06 2.52 -7.77
CA THR A 1085 28.09 3.46 -7.17
C THR A 1085 28.04 4.86 -7.84
N GLU A 1086 27.11 5.03 -8.78
CA GLU A 1086 26.92 6.31 -9.45
C GLU A 1086 25.75 7.05 -8.84
N PRO A 1087 25.81 8.39 -8.78
CA PRO A 1087 24.62 9.15 -8.42
C PRO A 1087 23.55 9.12 -9.52
N ALA A 1088 22.31 9.37 -9.11
CA ALA A 1088 21.14 9.23 -9.99
C ALA A 1088 21.06 10.31 -11.03
N THR A 1089 20.87 9.90 -12.27
CA THR A 1089 20.76 10.84 -13.34
C THR A 1089 19.42 10.57 -13.98
N GLY A 1090 18.70 11.64 -14.33
CA GLY A 1090 17.56 11.52 -15.22
C GLY A 1090 16.33 10.88 -14.62
N PHE A 1091 16.24 10.92 -13.29
CA PHE A 1091 15.08 10.42 -12.56
C PHE A 1091 14.67 11.36 -11.44
N ILE A 1092 13.37 11.46 -11.19
CA ILE A 1092 12.89 12.33 -10.13
C ILE A 1092 11.84 11.60 -9.31
N ASP A 1093 12.05 11.43 -8.00
CA ASP A 1093 10.88 10.92 -7.26
C ASP A 1093 9.96 12.02 -6.86
N GLY A 1094 8.78 11.97 -7.45
CA GLY A 1094 7.67 12.71 -6.95
C GLY A 1094 7.56 12.44 -5.49
N ASP A 1095 7.85 11.22 -5.09
CA ASP A 1095 7.87 10.85 -3.70
C ASP A 1095 8.48 11.96 -2.90
N LEU A 1096 9.60 12.47 -3.40
CA LEU A 1096 10.34 13.54 -2.77
C LEU A 1096 9.72 14.91 -3.07
N ILE A 1097 9.54 15.19 -4.35
CA ILE A 1097 8.81 16.34 -4.80
C ILE A 1097 7.48 16.53 -4.05
N GLU A 1098 6.79 15.43 -3.75
CA GLU A 1098 5.51 15.49 -3.06
C GLU A 1098 5.71 15.98 -1.64
N SER A 1099 6.89 15.71 -1.10
CA SER A 1099 7.26 16.19 0.23
C SER A 1099 7.01 17.69 0.32
N PHE A 1100 7.35 18.42 -0.74
CA PHE A 1100 7.14 19.86 -0.84
C PHE A 1100 5.82 20.32 -0.21
N LEU A 1101 4.76 19.56 -0.45
CA LEU A 1101 3.42 19.92 0.02
C LEU A 1101 3.23 19.78 1.51
N ASP A 1102 4.02 18.91 2.15
CA ASP A 1102 3.91 18.67 3.58
C ASP A 1102 4.66 19.76 4.34
N ILE A 1103 5.32 20.65 3.61
CA ILE A 1103 6.14 21.68 4.19
C ILE A 1103 5.36 22.96 4.54
N SER A 1104 5.76 23.58 5.64
CA SER A 1104 5.20 24.85 6.09
C SER A 1104 5.60 25.98 5.16
N ARG A 1105 4.68 26.92 4.93
CA ARG A 1105 4.95 28.05 4.04
C ARG A 1105 6.32 28.71 4.27
N PRO A 1106 6.68 28.96 5.55
CA PRO A 1106 8.04 29.42 5.86
C PRO A 1106 9.14 28.62 5.14
N LYS A 1107 9.21 27.31 5.42
CA LYS A 1107 10.23 26.43 4.85
C LYS A 1107 10.05 26.29 3.35
N MET A 1108 8.91 26.77 2.87
CA MET A 1108 8.52 26.69 1.49
C MET A 1108 8.98 27.88 0.67
N GLN A 1109 8.83 29.07 1.25
CA GLN A 1109 9.30 30.31 0.62
C GLN A 1109 10.76 30.15 0.32
N GLU A 1110 11.51 29.71 1.33
CA GLU A 1110 12.92 29.32 1.23
C GLU A 1110 13.29 28.61 -0.05
N VAL A 1111 12.50 27.59 -0.39
CA VAL A 1111 12.76 26.74 -1.54
C VAL A 1111 12.80 27.58 -2.81
N VAL A 1112 12.50 28.86 -2.66
CA VAL A 1112 12.65 29.79 -3.76
C VAL A 1112 13.42 31.06 -3.36
N ALA A 1113 14.48 31.32 -4.11
CA ALA A 1113 15.02 32.66 -4.24
C ALA A 1113 14.85 33.02 -5.71
N ASN A 1114 14.64 31.97 -6.51
CA ASN A 1114 14.17 32.07 -7.90
C ASN A 1114 13.66 30.73 -8.44
N ARG A 1125 10.59 33.40 -18.94
CA ARG A 1125 10.65 32.59 -17.71
C ARG A 1125 10.77 33.43 -16.42
N GLU A 1126 10.24 32.88 -15.31
CA GLU A 1126 10.11 33.58 -14.03
C GLU A 1126 10.36 32.67 -12.81
N ALA A 1127 9.87 33.12 -11.64
CA ALA A 1127 10.04 32.42 -10.36
C ALA A 1127 9.15 33.03 -9.27
N THR A 1128 8.23 32.25 -8.71
CA THR A 1128 7.28 32.78 -7.71
C THR A 1128 7.51 32.23 -6.31
N ALA A 1129 6.45 31.69 -5.69
CA ALA A 1129 6.42 31.42 -4.26
C ALA A 1129 5.36 30.36 -3.89
N ASP A 1130 4.28 30.37 -4.64
CA ASP A 1130 3.15 29.48 -4.42
C ASP A 1130 2.68 28.99 -5.78
N ASP A 1131 3.41 29.44 -6.80
CA ASP A 1131 3.19 28.99 -8.15
C ASP A 1131 3.42 27.49 -8.21
N LEU A 1132 4.43 27.03 -7.48
CA LEU A 1132 4.90 25.65 -7.57
C LEU A 1132 4.00 24.71 -6.79
N ILE A 1133 3.54 25.20 -5.64
CA ILE A 1133 2.55 24.48 -4.88
C ILE A 1133 1.43 23.99 -5.82
N LYS A 1134 1.04 24.82 -6.80
CA LYS A 1134 0.14 24.36 -7.88
C LYS A 1134 0.74 23.17 -8.66
N VAL A 1135 1.88 23.40 -9.31
CA VAL A 1135 2.55 22.40 -10.13
C VAL A 1135 2.59 21.05 -9.42
N VAL A 1136 2.80 21.09 -8.11
CA VAL A 1136 3.01 19.87 -7.37
C VAL A 1136 1.72 19.11 -7.12
N GLU A 1137 0.61 19.82 -7.04
CA GLU A 1137 -0.69 19.14 -7.04
C GLU A 1137 -0.93 18.58 -8.43
N GLU A 1138 -0.76 19.44 -9.44
CA GLU A 1138 -1.00 19.02 -10.81
C GLU A 1138 -0.05 17.89 -11.14
N LEU A 1139 0.53 17.28 -10.11
CA LEU A 1139 1.36 16.10 -10.29
C LEU A 1139 0.82 14.92 -9.57
N THR A 1140 0.68 15.00 -8.24
CA THR A 1140 0.00 13.93 -7.50
C THR A 1140 -1.09 13.28 -8.34
N ARG A 1141 -1.94 14.14 -8.91
CA ARG A 1141 -3.09 13.69 -9.72
C ARG A 1141 -2.69 12.88 -10.99
N ILE A 1142 -1.42 12.52 -11.10
CA ILE A 1142 -0.92 11.67 -12.18
C ILE A 1142 -1.10 10.17 -11.89
N HIS A 1143 -1.55 9.87 -10.67
CA HIS A 1143 -2.00 8.52 -10.31
C HIS A 1143 -3.10 8.63 -9.25
N SER B 1 19.28 -25.49 -10.38
CA SER B 1 18.41 -25.10 -11.50
C SER B 1 18.01 -23.60 -11.59
N VAL B 2 18.15 -23.00 -12.77
CA VAL B 2 17.77 -21.61 -12.94
C VAL B 2 16.36 -21.41 -12.41
N VAL B 3 15.59 -22.49 -12.41
CA VAL B 3 14.22 -22.46 -11.92
C VAL B 3 14.22 -22.26 -10.41
N GLY B 4 14.40 -23.34 -9.66
CA GLY B 4 14.46 -23.25 -8.20
C GLY B 4 14.90 -21.68 -7.86
N PHE B 5 16.03 -21.13 -8.30
CA PHE B 5 16.39 -19.76 -7.98
C PHE B 5 15.38 -18.78 -8.57
N LEU B 6 15.10 -18.96 -9.82
CA LEU B 6 14.57 -17.87 -10.55
C LEU B 6 13.10 -17.69 -10.32
N SER B 7 12.40 -18.70 -9.83
CA SER B 7 10.99 -18.52 -9.58
C SER B 7 10.82 -18.22 -8.13
N GLN B 8 11.92 -18.08 -7.43
CA GLN B 8 11.87 -17.81 -6.04
C GLN B 8 12.41 -16.45 -5.79
N ARG B 9 13.25 -16.00 -6.68
CA ARG B 9 13.78 -14.69 -6.53
C ARG B 9 12.64 -13.78 -6.78
N GLY B 10 11.46 -14.34 -6.79
CA GLY B 10 10.31 -13.48 -6.62
C GLY B 10 9.94 -13.44 -5.16
N LEU B 11 9.59 -14.55 -4.60
CA LEU B 11 9.24 -14.49 -3.24
C LEU B 11 10.18 -13.55 -2.50
N HIS B 12 11.48 -13.84 -2.33
CA HIS B 12 12.40 -12.88 -1.72
C HIS B 12 12.62 -13.21 -0.25
N GLY B 13 13.10 -14.42 0.02
CA GLY B 13 13.37 -14.85 1.38
C GLY B 13 14.53 -15.82 1.46
#